data_2E22
#
_entry.id   2E22
#
_cell.length_a   54.358
_cell.length_b   91.462
_cell.length_c   159.653
_cell.angle_alpha   90.00
_cell.angle_beta   90.00
_cell.angle_gamma   90.00
#
_symmetry.space_group_name_H-M   'P 21 21 21'
#
loop_
_entity.id
_entity.type
_entity.pdbx_description
1 polymer 'Xanthan lyase'
2 non-polymer alpha-D-mannopyranose
3 water water
#
_entity_poly.entity_id   1
_entity_poly.type   'polypeptide(L)'
_entity_poly.pdbx_seq_one_letter_code
;SDEFDALRIKWATLLTGGPALDPADSDIAARTDKLAQDANDYWEDMDLSSSRTYIWYALRGNGTSDNVNAVYERLRTMAL
AATTVGSSLYGNADLKEDILDALDWLYVNSYNSTRSRSAYNWWHWQLGIPMSLNDIAVLLYDDISAARMATYMDTIDYFT
PSIGLTGANRAWQAIVVGVRAVIVKDAVKLAAARNGLSGTGIFPYATGGDGFYADGSFVQHTTFAYTGGYGSSVLETTAN
LMYLLSGSTWSVSDPNQSNVWQWIYEAYRPLLYKGAMMDMVRGREISRSYAQDHAVGHGIVASIVRLAQFAPAPHAAAFK
QIAKRVIQEDTFSSFYGDVSTDTIRLAKAIVDDPSIAPAAAPNLYKQYAAMDRAVLQRPGFALGLALYSTRISSYESINS
ENGRGWYTGAGATYLYNQDLAQYSEDYWPTVDAYRIPGTTVASGTPIASGTGTSSWTGGVSLAGQYGASGMDLSYGAYNL
SARKSWFMFDDEIVALGSGISSTAGIPIETVVDNRKLNGAGDNAWTANGAALSTGLGVAQTLTGVNWVHLAGNTADGSDI
GYYFPGGATLQTKREARTGTWKQINNRPATPSTAVTRNYETMWIDHGTNPSGASYGYVLLPNKTSAQVGAYAADPAIEIV
VNTSGVQSVKEKTLGLVGANFWTDTTQTADLITSNKKASVMTREIADERLEASVSDPTQANNGTIAIELARSAEGYSADP
GITVTQLAPTIKFTVNVNGAKGKSFHASFQLG
;
_entity_poly.pdbx_strand_id   A
#
loop_
_chem_comp.id
_chem_comp.type
_chem_comp.name
_chem_comp.formula
MAN D-saccharide, alpha linking alpha-D-mannopyranose 'C6 H12 O6'
#
# COMPACT_ATOMS: atom_id res chain seq x y z
N SER A 1 0.30 43.92 7.56
CA SER A 1 0.44 42.51 7.07
C SER A 1 1.80 41.91 7.42
N ASP A 2 1.77 40.88 8.26
CA ASP A 2 2.97 40.18 8.69
C ASP A 2 3.27 39.09 7.67
N GLU A 3 4.45 38.49 7.73
CA GLU A 3 4.76 37.40 6.83
C GLU A 3 3.93 36.23 7.35
N PHE A 4 3.95 36.08 8.67
CA PHE A 4 3.18 35.04 9.34
C PHE A 4 1.73 35.19 8.90
N ASP A 5 1.27 36.43 8.83
CA ASP A 5 -0.11 36.72 8.42
C ASP A 5 -0.37 36.14 7.04
N ALA A 6 0.64 36.20 6.18
CA ALA A 6 0.53 35.68 4.82
C ALA A 6 0.48 34.17 4.86
N LEU A 7 1.39 33.57 5.62
CA LEU A 7 1.41 32.13 5.74
C LEU A 7 0.06 31.64 6.24
N ARG A 8 -0.48 32.29 7.28
CA ARG A 8 -1.76 31.88 7.83
C ARG A 8 -2.88 31.87 6.78
N ILE A 9 -2.91 32.89 5.95
CA ILE A 9 -3.95 32.97 4.92
C ILE A 9 -3.72 31.86 3.90
N LYS A 10 -2.45 31.50 3.72
CA LYS A 10 -2.08 30.46 2.78
C LYS A 10 -2.61 29.13 3.27
N TRP A 11 -2.42 28.86 4.55
CA TRP A 11 -2.88 27.61 5.15
C TRP A 11 -4.40 27.55 5.16
N ALA A 12 -5.03 28.69 5.40
CA ALA A 12 -6.48 28.78 5.44
C ALA A 12 -7.06 28.40 4.07
N THR A 13 -6.40 28.85 3.02
CA THR A 13 -6.83 28.57 1.66
C THR A 13 -6.67 27.08 1.37
N LEU A 14 -5.64 26.48 1.94
CA LEU A 14 -5.38 25.06 1.76
C LEU A 14 -6.51 24.26 2.39
N LEU A 15 -7.15 24.85 3.40
CA LEU A 15 -8.23 24.19 4.11
C LEU A 15 -9.61 24.44 3.52
N THR A 16 -9.89 25.67 3.11
CA THR A 16 -11.20 26.01 2.57
C THR A 16 -11.26 26.03 1.06
N GLY A 17 -10.12 26.32 0.43
CA GLY A 17 -10.09 26.40 -1.01
C GLY A 17 -10.07 27.86 -1.39
N GLY A 18 -9.90 28.71 -0.38
CA GLY A 18 -9.86 30.14 -0.61
C GLY A 18 -11.20 30.74 -1.03
N PRO A 19 -11.21 32.06 -1.30
CA PRO A 19 -12.41 32.78 -1.72
C PRO A 19 -12.77 32.52 -3.18
N ALA A 20 -11.77 32.09 -3.95
CA ALA A 20 -11.95 31.80 -5.37
C ALA A 20 -12.82 30.56 -5.62
N LEU A 21 -12.84 29.67 -4.63
CA LEU A 21 -13.63 28.44 -4.74
C LEU A 21 -14.97 28.73 -5.44
N ASP A 22 -15.19 28.08 -6.59
CA ASP A 22 -16.40 28.27 -7.37
C ASP A 22 -17.50 27.29 -6.97
N PRO A 23 -18.50 27.76 -6.22
CA PRO A 23 -19.60 26.91 -5.77
C PRO A 23 -20.51 26.40 -6.90
N ALA A 24 -20.32 26.93 -8.11
CA ALA A 24 -21.13 26.50 -9.24
C ALA A 24 -20.67 25.14 -9.74
N ASP A 25 -19.41 24.81 -9.47
CA ASP A 25 -18.83 23.53 -9.88
C ASP A 25 -19.65 22.38 -9.31
N SER A 26 -20.06 21.47 -10.19
CA SER A 26 -20.86 20.32 -9.80
C SER A 26 -20.26 19.52 -8.64
N ASP A 27 -18.95 19.23 -8.72
CA ASP A 27 -18.28 18.44 -7.68
C ASP A 27 -17.97 19.27 -6.44
N ILE A 28 -17.64 20.53 -6.62
CA ILE A 28 -17.36 21.40 -5.48
C ILE A 28 -18.65 21.57 -4.70
N ALA A 29 -19.75 21.65 -5.44
CA ALA A 29 -21.07 21.81 -4.83
C ALA A 29 -21.38 20.64 -3.91
N ALA A 30 -21.21 19.43 -4.42
CA ALA A 30 -21.47 18.22 -3.65
C ALA A 30 -20.64 18.20 -2.36
N ARG A 31 -19.36 18.48 -2.48
CA ARG A 31 -18.47 18.45 -1.33
C ARG A 31 -18.90 19.42 -0.22
N THR A 32 -19.40 20.59 -0.59
CA THR A 32 -19.83 21.57 0.40
C THR A 32 -21.19 21.21 1.02
N ASP A 33 -22.13 20.76 0.19
CA ASP A 33 -23.46 20.37 0.69
C ASP A 33 -23.29 19.31 1.76
N LYS A 34 -22.38 18.38 1.51
CA LYS A 34 -22.08 17.30 2.43
C LYS A 34 -21.42 17.83 3.70
N LEU A 35 -20.57 18.83 3.54
CA LEU A 35 -19.87 19.42 4.66
C LEU A 35 -20.87 20.15 5.55
N ALA A 36 -21.73 20.95 4.91
CA ALA A 36 -22.74 21.72 5.64
C ALA A 36 -23.69 20.77 6.37
N GLN A 37 -24.17 19.76 5.65
CA GLN A 37 -25.09 18.78 6.22
C GLN A 37 -24.48 18.15 7.48
N ASP A 38 -23.24 17.66 7.37
CA ASP A 38 -22.55 17.06 8.51
C ASP A 38 -22.44 18.06 9.66
N ALA A 39 -22.05 19.28 9.33
CA ALA A 39 -21.90 20.33 10.34
C ALA A 39 -23.20 20.58 11.09
N ASN A 40 -24.32 20.45 10.39
CA ASN A 40 -25.64 20.66 10.99
C ASN A 40 -25.97 19.56 11.99
N ASP A 41 -25.96 18.32 11.53
CA ASP A 41 -26.25 17.19 12.40
C ASP A 41 -25.48 17.33 13.71
N TYR A 42 -24.21 17.73 13.60
CA TYR A 42 -23.37 17.90 14.78
C TYR A 42 -23.86 19.01 15.69
N TRP A 43 -24.02 20.20 15.10
CA TRP A 43 -24.47 21.38 15.81
C TRP A 43 -25.84 21.17 16.43
N GLU A 44 -26.71 20.53 15.64
CA GLU A 44 -28.08 20.25 16.03
C GLU A 44 -28.21 19.52 17.37
N ASP A 45 -27.59 18.35 17.50
CA ASP A 45 -27.67 17.62 18.76
C ASP A 45 -26.46 17.86 19.65
N MET A 46 -26.02 19.10 19.70
CA MET A 46 -24.88 19.51 20.51
C MET A 46 -25.45 20.05 21.82
N ASP A 47 -24.83 19.73 22.94
CA ASP A 47 -25.33 20.22 24.23
C ASP A 47 -24.81 21.64 24.48
N LEU A 48 -25.70 22.62 24.38
CA LEU A 48 -25.31 24.01 24.57
C LEU A 48 -25.41 24.59 25.99
N SER A 49 -26.21 23.98 26.85
CA SER A 49 -26.37 24.48 28.23
C SER A 49 -25.04 24.52 28.97
N SER A 50 -24.82 25.58 29.75
CA SER A 50 -23.58 25.73 30.50
C SER A 50 -23.38 24.63 31.54
N SER A 51 -24.46 23.90 31.84
CA SER A 51 -24.40 22.82 32.81
C SER A 51 -23.77 21.58 32.20
N ARG A 52 -23.90 21.44 30.88
CA ARG A 52 -23.38 20.29 30.14
C ARG A 52 -22.11 19.69 30.71
N THR A 53 -22.04 18.37 30.69
CA THR A 53 -20.89 17.63 31.19
C THR A 53 -20.20 16.95 30.01
N TYR A 54 -20.65 17.32 28.81
CA TYR A 54 -20.13 16.78 27.57
C TYR A 54 -20.67 17.64 26.41
N ILE A 55 -20.00 17.57 25.26
CA ILE A 55 -20.45 18.34 24.10
C ILE A 55 -21.50 17.52 23.37
N TRP A 56 -21.15 16.27 23.08
CA TRP A 56 -22.05 15.35 22.39
C TRP A 56 -22.22 14.13 23.28
N TYR A 57 -23.48 13.81 23.58
CA TYR A 57 -23.79 12.66 24.42
C TYR A 57 -22.99 11.43 23.99
N ALA A 58 -23.11 11.09 22.72
CA ALA A 58 -22.44 9.91 22.16
C ALA A 58 -20.91 9.91 22.29
N LEU A 59 -20.32 11.02 22.72
CA LEU A 59 -18.88 11.09 22.84
C LEU A 59 -18.36 11.44 24.22
N ARG A 60 -19.24 11.42 25.22
CA ARG A 60 -18.85 11.75 26.60
C ARG A 60 -17.68 10.88 27.12
N GLY A 61 -16.88 11.47 28.00
CA GLY A 61 -15.74 10.76 28.57
C GLY A 61 -14.45 11.57 28.41
N ASN A 62 -14.29 12.58 29.27
CA ASN A 62 -13.11 13.46 29.25
C ASN A 62 -11.77 12.79 29.49
N GLY A 63 -11.72 11.46 29.43
CA GLY A 63 -10.46 10.76 29.66
C GLY A 63 -10.15 9.75 28.57
N THR A 64 -11.04 9.66 27.58
CA THR A 64 -10.86 8.73 26.48
C THR A 64 -10.33 9.43 25.24
N SER A 65 -9.04 9.21 24.95
CA SER A 65 -8.39 9.82 23.80
C SER A 65 -9.30 9.79 22.58
N ASP A 66 -9.76 8.60 22.20
CA ASP A 66 -10.65 8.46 21.05
C ASP A 66 -11.78 9.48 21.04
N ASN A 67 -12.55 9.51 22.13
CA ASN A 67 -13.68 10.43 22.22
C ASN A 67 -13.26 11.89 22.11
N VAL A 68 -12.28 12.31 22.89
CA VAL A 68 -11.82 13.69 22.86
C VAL A 68 -11.35 14.05 21.47
N ASN A 69 -10.48 13.22 20.90
CA ASN A 69 -9.94 13.44 19.57
C ASN A 69 -11.10 13.57 18.58
N ALA A 70 -12.09 12.71 18.73
CA ALA A 70 -13.25 12.75 17.84
C ALA A 70 -14.04 14.04 18.01
N VAL A 71 -14.07 14.58 19.23
CA VAL A 71 -14.81 15.82 19.48
C VAL A 71 -14.14 16.99 18.76
N TYR A 72 -12.81 16.98 18.72
CA TYR A 72 -12.11 18.05 18.03
C TYR A 72 -12.30 17.95 16.53
N GLU A 73 -12.30 16.74 15.99
CA GLU A 73 -12.50 16.57 14.55
C GLU A 73 -13.83 17.17 14.16
N ARG A 74 -14.88 16.90 14.94
CA ARG A 74 -16.20 17.43 14.66
C ARG A 74 -16.18 18.95 14.68
N LEU A 75 -15.58 19.52 15.73
CA LEU A 75 -15.51 20.97 15.82
C LEU A 75 -14.81 21.49 14.57
N ARG A 76 -13.74 20.80 14.18
CA ARG A 76 -12.97 21.17 13.00
C ARG A 76 -13.90 21.20 11.79
N THR A 77 -14.69 20.14 11.63
CA THR A 77 -15.62 20.07 10.51
C THR A 77 -16.62 21.23 10.52
N MET A 78 -17.06 21.61 11.70
CA MET A 78 -18.00 22.71 11.84
C MET A 78 -17.34 24.03 11.47
N ALA A 79 -16.10 24.21 11.90
CA ALA A 79 -15.34 25.42 11.61
C ALA A 79 -15.16 25.57 10.10
N LEU A 80 -14.92 24.45 9.42
CA LEU A 80 -14.74 24.46 7.97
C LEU A 80 -16.03 24.87 7.26
N ALA A 81 -17.15 24.30 7.70
CA ALA A 81 -18.44 24.61 7.08
C ALA A 81 -18.81 26.07 7.30
N ALA A 82 -18.14 26.70 8.26
CA ALA A 82 -18.40 28.09 8.58
C ALA A 82 -17.44 29.03 7.88
N THR A 83 -16.44 28.47 7.20
CA THR A 83 -15.46 29.29 6.49
C THR A 83 -15.23 28.90 5.04
N THR A 84 -16.01 27.95 4.53
CA THR A 84 -15.87 27.51 3.15
C THR A 84 -16.96 28.13 2.28
N VAL A 85 -16.55 28.86 1.25
CA VAL A 85 -17.49 29.49 0.34
C VAL A 85 -18.41 28.46 -0.30
N GLY A 86 -19.71 28.74 -0.26
CA GLY A 86 -20.68 27.83 -0.82
C GLY A 86 -21.48 27.12 0.25
N SER A 87 -20.91 27.04 1.45
CA SER A 87 -21.57 26.39 2.58
C SER A 87 -22.70 27.27 3.09
N SER A 88 -23.85 26.65 3.32
CA SER A 88 -25.00 27.36 3.82
C SER A 88 -24.73 27.93 5.22
N LEU A 89 -23.70 27.40 5.87
CA LEU A 89 -23.34 27.85 7.21
C LEU A 89 -22.16 28.81 7.15
N TYR A 90 -21.86 29.27 5.94
CA TYR A 90 -20.74 30.20 5.75
C TYR A 90 -20.97 31.51 6.48
N GLY A 91 -20.03 31.88 7.34
CA GLY A 91 -20.14 33.14 8.07
C GLY A 91 -21.04 33.14 9.29
N ASN A 92 -21.98 32.20 9.36
CA ASN A 92 -22.90 32.11 10.50
C ASN A 92 -22.16 32.37 11.81
N ALA A 93 -22.40 33.53 12.39
CA ALA A 93 -21.75 33.94 13.63
C ALA A 93 -22.07 33.07 14.85
N ASP A 94 -23.31 32.61 14.96
CA ASP A 94 -23.71 31.77 16.10
C ASP A 94 -22.86 30.51 16.12
N LEU A 95 -22.80 29.84 14.98
CA LEU A 95 -22.03 28.62 14.84
C LEU A 95 -20.60 28.88 15.28
N LYS A 96 -20.04 30.01 14.87
CA LYS A 96 -18.68 30.37 15.24
C LYS A 96 -18.52 30.48 16.76
N GLU A 97 -19.47 31.12 17.42
CA GLU A 97 -19.36 31.29 18.86
C GLU A 97 -19.52 29.97 19.59
N ASP A 98 -20.45 29.14 19.14
CA ASP A 98 -20.67 27.84 19.75
C ASP A 98 -19.38 27.01 19.71
N ILE A 99 -18.70 27.06 18.57
CA ILE A 99 -17.45 26.31 18.43
C ILE A 99 -16.45 26.77 19.46
N LEU A 100 -16.29 28.10 19.54
CA LEU A 100 -15.36 28.70 20.48
C LEU A 100 -15.69 28.37 21.94
N ASP A 101 -16.97 28.43 22.31
CA ASP A 101 -17.36 28.11 23.68
C ASP A 101 -17.02 26.67 23.99
N ALA A 102 -17.32 25.78 23.03
CA ALA A 102 -17.03 24.36 23.19
C ALA A 102 -15.52 24.19 23.41
N LEU A 103 -14.73 24.96 22.67
CA LEU A 103 -13.28 24.88 22.81
C LEU A 103 -12.85 25.28 24.21
N ASP A 104 -13.51 26.27 24.78
CA ASP A 104 -13.20 26.72 26.14
C ASP A 104 -13.56 25.62 27.14
N TRP A 105 -14.75 25.06 26.95
CA TRP A 105 -15.24 24.00 27.81
C TRP A 105 -14.24 22.86 27.90
N LEU A 106 -13.65 22.53 26.75
CA LEU A 106 -12.67 21.45 26.66
C LEU A 106 -11.37 21.77 27.37
N TYR A 107 -10.94 23.02 27.29
CA TYR A 107 -9.70 23.45 27.94
C TYR A 107 -9.79 23.29 29.45
N VAL A 108 -11.01 23.46 29.96
CA VAL A 108 -11.26 23.34 31.39
C VAL A 108 -11.51 21.91 31.84
N ASN A 109 -12.44 21.25 31.17
CA ASN A 109 -12.82 19.89 31.51
C ASN A 109 -12.02 18.73 30.93
N SER A 110 -11.13 18.96 29.97
CA SER A 110 -10.40 17.82 29.42
C SER A 110 -9.05 18.00 28.73
N TYR A 111 -8.83 19.13 28.06
CA TYR A 111 -7.57 19.31 27.36
C TYR A 111 -6.73 20.47 27.89
N ASN A 112 -5.83 20.18 28.82
CA ASN A 112 -4.97 21.21 29.40
C ASN A 112 -3.67 20.59 29.92
N SER A 113 -2.74 21.46 30.33
CA SER A 113 -1.43 21.02 30.81
C SER A 113 -1.38 20.23 32.11
N THR A 114 -2.54 19.85 32.64
CA THR A 114 -2.55 19.09 33.89
C THR A 114 -2.65 17.58 33.63
N ARG A 115 -2.49 17.20 32.36
CA ARG A 115 -2.57 15.78 31.98
C ARG A 115 -1.21 15.19 31.57
N SER A 116 -1.10 13.88 31.72
CA SER A 116 0.12 13.17 31.37
C SER A 116 0.38 13.26 29.86
N ARG A 117 1.54 13.78 29.50
CA ARG A 117 1.91 13.90 28.09
C ARG A 117 1.96 12.53 27.45
N SER A 118 2.14 11.50 28.28
CA SER A 118 2.24 10.13 27.80
C SER A 118 1.03 9.24 28.10
N ALA A 119 -0.05 9.85 28.59
CA ALA A 119 -1.26 9.10 28.91
C ALA A 119 -1.87 8.48 27.66
N TYR A 120 -2.02 7.16 27.65
CA TYR A 120 -2.60 6.47 26.51
C TYR A 120 -3.95 7.10 26.12
N ASN A 121 -4.17 7.37 24.85
CA ASN A 121 -3.21 7.12 23.78
C ASN A 121 -2.42 8.40 23.53
N TRP A 122 -1.11 8.32 23.69
CA TRP A 122 -0.23 9.49 23.50
C TRP A 122 -0.41 10.19 22.17
N TRP A 123 -0.62 9.43 21.11
CA TRP A 123 -0.79 10.00 19.79
C TRP A 123 -1.87 11.06 19.74
N HIS A 124 -3.01 10.77 20.36
CA HIS A 124 -4.14 11.70 20.39
C HIS A 124 -3.85 13.02 21.09
N TRP A 125 -3.24 12.95 22.26
CA TRP A 125 -2.92 14.15 23.03
C TRP A 125 -1.84 15.02 22.40
N GLN A 126 -0.81 14.39 21.83
CA GLN A 126 0.30 15.14 21.24
C GLN A 126 0.21 15.47 19.74
N LEU A 127 -0.55 14.70 18.97
CA LEU A 127 -0.62 14.95 17.54
C LEU A 127 -2.03 15.11 16.99
N GLY A 128 -2.85 14.07 17.19
CA GLY A 128 -4.21 14.10 16.68
C GLY A 128 -5.03 15.32 17.04
N ILE A 129 -5.12 15.64 18.33
CA ILE A 129 -5.90 16.77 18.77
C ILE A 129 -5.29 18.12 18.37
N PRO A 130 -3.98 18.30 18.59
CA PRO A 130 -3.34 19.56 18.21
C PRO A 130 -3.55 19.91 16.73
N MET A 131 -3.43 18.92 15.85
CA MET A 131 -3.62 19.16 14.43
C MET A 131 -5.02 19.70 14.12
N SER A 132 -6.03 19.17 14.81
CA SER A 132 -7.39 19.65 14.60
C SER A 132 -7.54 21.06 15.15
N LEU A 133 -6.98 21.26 16.34
CA LEU A 133 -7.04 22.55 17.03
C LEU A 133 -6.42 23.66 16.18
N ASN A 134 -5.18 23.47 15.74
CA ASN A 134 -4.52 24.47 14.90
C ASN A 134 -5.44 24.88 13.76
N ASP A 135 -6.02 23.90 13.07
CA ASP A 135 -6.90 24.20 11.94
C ASP A 135 -8.06 25.10 12.34
N ILE A 136 -8.67 24.83 13.49
CA ILE A 136 -9.77 25.66 13.93
C ILE A 136 -9.22 27.06 14.23
N ALA A 137 -8.11 27.10 14.96
CA ALA A 137 -7.47 28.35 15.32
C ALA A 137 -7.26 29.22 14.09
N VAL A 138 -6.67 28.63 13.05
CA VAL A 138 -6.40 29.35 11.81
C VAL A 138 -7.68 29.80 11.10
N LEU A 139 -8.69 28.95 11.09
CA LEU A 139 -9.95 29.28 10.42
C LEU A 139 -10.79 30.33 11.15
N LEU A 140 -10.71 30.36 12.47
CA LEU A 140 -11.49 31.31 13.25
C LEU A 140 -10.58 32.36 13.87
N TYR A 141 -9.35 32.42 13.39
CA TYR A 141 -8.35 33.36 13.89
C TYR A 141 -8.87 34.76 14.24
N ASP A 142 -9.60 35.37 13.31
CA ASP A 142 -10.14 36.70 13.51
C ASP A 142 -11.13 36.80 14.66
N ASP A 143 -11.91 35.74 14.87
CA ASP A 143 -12.90 35.73 15.92
C ASP A 143 -12.41 35.15 17.24
N ILE A 144 -11.09 34.97 17.36
CA ILE A 144 -10.55 34.39 18.58
C ILE A 144 -9.80 35.41 19.44
N SER A 145 -10.35 35.69 20.61
CA SER A 145 -9.74 36.64 21.53
C SER A 145 -8.34 36.19 21.91
N ALA A 146 -7.48 37.16 22.24
CA ALA A 146 -6.12 36.86 22.62
C ALA A 146 -6.13 35.95 23.85
N ALA A 147 -7.12 36.13 24.71
CA ALA A 147 -7.25 35.35 25.93
C ALA A 147 -7.45 33.87 25.60
N ARG A 148 -8.45 33.59 24.78
CA ARG A 148 -8.75 32.23 24.38
C ARG A 148 -7.60 31.59 23.62
N MET A 149 -7.05 32.33 22.66
CA MET A 149 -5.94 31.83 21.84
C MET A 149 -4.75 31.40 22.69
N ALA A 150 -4.62 32.00 23.87
CA ALA A 150 -3.54 31.64 24.77
C ALA A 150 -3.75 30.21 25.26
N THR A 151 -4.91 29.99 25.88
CA THR A 151 -5.27 28.68 26.41
C THR A 151 -5.25 27.60 25.33
N TYR A 152 -5.36 28.00 24.08
CA TYR A 152 -5.35 27.04 22.98
C TYR A 152 -3.91 26.64 22.60
N MET A 153 -3.12 27.63 22.21
CA MET A 153 -1.73 27.38 21.79
C MET A 153 -0.75 27.06 22.91
N ASP A 154 -1.10 27.37 24.15
CA ASP A 154 -0.18 27.07 25.23
C ASP A 154 -0.24 25.56 25.49
N THR A 155 -1.45 25.02 25.53
CA THR A 155 -1.66 23.60 25.76
C THR A 155 -0.94 22.79 24.71
N ILE A 156 -1.06 23.21 23.45
CA ILE A 156 -0.40 22.51 22.35
C ILE A 156 1.10 22.48 22.58
N ASP A 157 1.68 23.65 22.83
CA ASP A 157 3.12 23.73 23.05
C ASP A 157 3.52 22.83 24.22
N TYR A 158 2.58 22.56 25.11
CA TYR A 158 2.84 21.70 26.26
C TYR A 158 3.07 20.25 25.82
N PHE A 159 2.09 19.67 25.14
CA PHE A 159 2.17 18.29 24.69
C PHE A 159 3.27 18.08 23.67
N THR A 160 3.31 18.92 22.65
CA THR A 160 4.32 18.81 21.60
C THR A 160 5.09 20.12 21.49
N PRO A 161 6.22 20.23 22.22
CA PRO A 161 7.05 21.42 22.22
C PRO A 161 8.17 21.37 21.18
N SER A 162 8.52 20.17 20.74
CA SER A 162 9.61 20.01 19.76
C SER A 162 9.44 18.82 18.83
N ILE A 163 10.45 18.61 17.99
CA ILE A 163 10.45 17.51 17.02
C ILE A 163 11.59 16.55 17.30
N GLY A 164 11.29 15.28 17.51
CA GLY A 164 12.34 14.32 17.79
C GLY A 164 12.03 12.85 17.56
N LEU A 165 10.95 12.56 16.85
CA LEU A 165 10.59 11.17 16.57
C LEU A 165 11.05 10.81 15.17
N THR A 166 10.44 9.79 14.58
CA THR A 166 10.84 9.37 13.23
C THR A 166 9.64 9.21 12.29
N GLY A 167 9.95 9.03 11.01
CA GLY A 167 8.93 8.86 10.00
C GLY A 167 7.67 9.68 10.18
N ALA A 168 6.53 9.02 10.02
CA ALA A 168 5.23 9.67 10.12
C ALA A 168 5.05 10.50 11.40
N ASN A 169 5.56 10.00 12.52
CA ASN A 169 5.44 10.73 13.77
C ASN A 169 6.24 12.02 13.79
N ARG A 170 7.49 11.97 13.32
CA ARG A 170 8.31 13.18 13.28
C ARG A 170 7.66 14.20 12.36
N ALA A 171 7.15 13.74 11.23
CA ALA A 171 6.51 14.63 10.28
C ALA A 171 5.29 15.27 10.93
N TRP A 172 4.55 14.48 11.71
CA TRP A 172 3.36 15.00 12.39
C TRP A 172 3.72 16.08 13.40
N GLN A 173 4.82 15.89 14.13
CA GLN A 173 5.22 16.89 15.10
C GLN A 173 5.53 18.16 14.33
N ALA A 174 6.25 17.98 13.23
CA ALA A 174 6.66 19.07 12.37
C ALA A 174 5.48 19.95 11.93
N ILE A 175 4.38 19.34 11.54
CA ILE A 175 3.22 20.10 11.09
C ILE A 175 2.49 20.74 12.28
N VAL A 176 2.64 20.13 13.45
CA VAL A 176 2.01 20.65 14.65
C VAL A 176 2.79 21.86 15.15
N VAL A 177 4.10 21.72 15.30
CA VAL A 177 4.92 22.83 15.75
C VAL A 177 4.85 23.97 14.75
N GLY A 178 4.96 23.62 13.47
CA GLY A 178 4.94 24.61 12.42
C GLY A 178 3.68 25.44 12.30
N VAL A 179 2.52 24.79 12.23
CA VAL A 179 1.27 25.54 12.10
C VAL A 179 1.02 26.41 13.32
N ARG A 180 1.37 25.91 14.49
CA ARG A 180 1.20 26.69 15.71
C ARG A 180 2.14 27.89 15.64
N ALA A 181 3.35 27.65 15.16
CA ALA A 181 4.35 28.70 15.03
C ALA A 181 3.80 29.85 14.20
N VAL A 182 3.13 29.54 13.10
CA VAL A 182 2.58 30.59 12.24
C VAL A 182 1.50 31.37 12.99
N ILE A 183 0.70 30.68 13.79
CA ILE A 183 -0.37 31.33 14.53
C ILE A 183 0.15 32.26 15.62
N VAL A 184 1.10 31.78 16.42
CA VAL A 184 1.65 32.59 17.49
C VAL A 184 2.85 33.38 16.98
N LYS A 185 3.00 33.42 15.66
CA LYS A 185 4.08 34.14 15.00
C LYS A 185 5.43 33.98 15.69
N ASP A 186 5.84 32.74 15.90
CA ASP A 186 7.12 32.43 16.51
C ASP A 186 8.06 31.96 15.39
N ALA A 187 9.05 32.77 15.06
CA ALA A 187 9.99 32.43 13.99
C ALA A 187 10.92 31.29 14.37
N VAL A 188 11.25 31.17 15.64
CA VAL A 188 12.14 30.10 16.08
C VAL A 188 11.46 28.75 15.80
N LYS A 189 10.34 28.52 16.47
CA LYS A 189 9.57 27.28 16.29
C LYS A 189 9.36 26.95 14.82
N LEU A 190 8.92 27.95 14.05
CA LEU A 190 8.68 27.73 12.62
C LEU A 190 9.94 27.23 11.92
N ALA A 191 11.07 27.84 12.24
CA ALA A 191 12.33 27.42 11.64
C ALA A 191 12.64 26.01 12.13
N ALA A 192 12.11 25.67 13.30
CA ALA A 192 12.33 24.35 13.88
C ALA A 192 11.55 23.29 13.11
N ALA A 193 10.33 23.63 12.71
CA ALA A 193 9.49 22.70 11.96
C ALA A 193 10.12 22.43 10.60
N ARG A 194 10.54 23.48 9.92
CA ARG A 194 11.16 23.32 8.61
C ARG A 194 12.36 22.38 8.66
N ASN A 195 13.14 22.49 9.73
CA ASN A 195 14.34 21.67 9.88
C ASN A 195 14.01 20.22 10.26
N GLY A 196 12.87 20.02 10.93
CA GLY A 196 12.49 18.69 11.32
C GLY A 196 12.38 17.72 10.15
N LEU A 197 12.02 18.23 8.98
CA LEU A 197 11.87 17.40 7.80
C LEU A 197 13.15 16.74 7.34
N SER A 198 14.29 17.26 7.77
CA SER A 198 15.56 16.69 7.37
C SER A 198 15.92 15.52 8.25
N GLY A 199 15.08 15.27 9.26
CA GLY A 199 15.32 14.19 10.20
C GLY A 199 15.03 12.77 9.76
N THR A 200 15.28 11.84 10.68
CA THR A 200 15.08 10.42 10.47
C THR A 200 13.71 10.03 9.92
N GLY A 201 13.72 9.20 8.89
CA GLY A 201 12.46 8.74 8.31
C GLY A 201 11.77 9.68 7.36
N ILE A 202 12.41 10.79 6.99
CA ILE A 202 11.78 11.71 6.06
C ILE A 202 12.66 11.98 4.83
N PHE A 203 13.29 13.13 4.76
CA PHE A 203 14.13 13.45 3.61
C PHE A 203 15.24 12.43 3.32
N PRO A 204 16.13 12.15 4.29
CA PRO A 204 17.21 11.20 4.08
C PRO A 204 16.80 9.73 4.00
N TYR A 205 17.32 9.04 2.99
CA TYR A 205 17.02 7.62 2.80
C TYR A 205 17.48 6.83 4.01
N ALA A 206 16.77 5.75 4.32
CA ALA A 206 17.13 4.91 5.45
C ALA A 206 17.90 3.68 4.96
N THR A 207 18.74 3.12 5.83
CA THR A 207 19.51 1.94 5.46
C THR A 207 19.01 0.78 6.32
N GLY A 208 18.12 1.12 7.25
CA GLY A 208 17.52 0.15 8.14
C GLY A 208 16.53 0.94 8.95
N GLY A 209 15.53 0.28 9.53
CA GLY A 209 14.56 1.01 10.32
C GLY A 209 13.53 1.79 9.52
N ASP A 210 12.91 2.76 10.18
CA ASP A 210 11.87 3.57 9.54
C ASP A 210 12.37 4.54 8.49
N GLY A 211 11.53 4.80 7.51
CA GLY A 211 11.88 5.73 6.46
C GLY A 211 11.71 5.17 5.05
N PHE A 212 12.15 5.96 4.08
CA PHE A 212 12.11 5.58 2.68
C PHE A 212 13.46 4.99 2.34
N TYR A 213 13.46 3.99 1.47
CA TYR A 213 14.69 3.36 1.05
C TYR A 213 15.00 3.72 -0.41
N ALA A 214 16.27 3.66 -0.75
CA ALA A 214 16.71 3.98 -2.09
C ALA A 214 16.00 3.14 -3.16
N ASP A 215 15.50 1.96 -2.77
CA ASP A 215 14.81 1.13 -3.76
C ASP A 215 13.30 1.42 -3.82
N GLY A 216 12.87 2.45 -3.09
CA GLY A 216 11.47 2.82 -3.12
C GLY A 216 10.61 2.27 -1.99
N SER A 217 11.18 1.36 -1.19
CA SER A 217 10.46 0.77 -0.08
C SER A 217 10.19 1.79 1.03
N PHE A 218 9.19 1.51 1.86
CA PHE A 218 8.90 2.38 3.00
C PHE A 218 8.57 1.52 4.21
N VAL A 219 9.29 1.73 5.30
CA VAL A 219 9.09 0.98 6.52
C VAL A 219 8.71 1.90 7.68
N GLN A 220 7.89 1.38 8.57
CA GLN A 220 7.48 2.13 9.77
C GLN A 220 7.35 1.08 10.87
N HIS A 221 7.59 1.48 12.11
CA HIS A 221 7.54 0.55 13.23
C HIS A 221 8.57 -0.56 13.05
N THR A 222 9.72 -0.17 12.50
CA THR A 222 10.85 -1.07 12.30
C THR A 222 10.74 -2.24 11.32
N THR A 223 9.63 -2.97 11.35
CA THR A 223 9.53 -4.14 10.49
C THR A 223 8.29 -4.32 9.62
N PHE A 224 7.61 -3.23 9.27
CA PHE A 224 6.41 -3.38 8.44
C PHE A 224 6.41 -2.57 7.14
N ALA A 225 5.97 -3.20 6.06
CA ALA A 225 5.88 -2.53 4.77
C ALA A 225 4.70 -1.55 4.95
N TYR A 226 4.97 -0.25 4.90
CA TYR A 226 3.91 0.73 5.15
C TYR A 226 3.69 1.88 4.19
N THR A 227 4.20 1.78 2.96
CA THR A 227 4.04 2.86 2.00
C THR A 227 2.62 3.43 1.93
N GLY A 228 1.61 2.57 1.92
CA GLY A 228 0.24 3.03 1.84
C GLY A 228 -0.45 3.39 3.15
N GLY A 229 0.20 3.10 4.28
CA GLY A 229 -0.38 3.42 5.58
C GLY A 229 0.30 4.64 6.18
N TYR A 230 1.31 4.44 7.02
CA TYR A 230 2.03 5.56 7.61
C TYR A 230 2.70 6.35 6.49
N GLY A 231 3.04 5.65 5.40
CA GLY A 231 3.67 6.31 4.27
C GLY A 231 2.78 7.40 3.68
N SER A 232 1.49 7.10 3.57
CA SER A 232 0.53 8.07 3.04
C SER A 232 0.59 9.31 3.88
N SER A 233 0.52 9.13 5.20
CA SER A 233 0.56 10.25 6.11
C SER A 233 1.83 11.06 5.99
N VAL A 234 2.98 10.39 5.84
CA VAL A 234 4.23 11.13 5.71
C VAL A 234 4.19 11.98 4.44
N LEU A 235 3.67 11.41 3.36
CA LEU A 235 3.60 12.15 2.09
C LEU A 235 2.68 13.35 2.19
N GLU A 236 1.50 13.14 2.73
CA GLU A 236 0.53 14.20 2.91
C GLU A 236 1.07 15.34 3.78
N THR A 237 1.56 14.98 4.97
CA THR A 237 2.10 15.96 5.91
C THR A 237 3.29 16.72 5.34
N THR A 238 4.22 15.99 4.71
CA THR A 238 5.40 16.61 4.13
C THR A 238 5.05 17.55 2.99
N ALA A 239 4.10 17.13 2.14
CA ALA A 239 3.68 17.96 1.03
C ALA A 239 3.02 19.22 1.55
N ASN A 240 2.09 19.07 2.50
CA ASN A 240 1.39 20.24 3.05
C ASN A 240 2.34 21.24 3.70
N LEU A 241 3.31 20.74 4.46
CA LEU A 241 4.25 21.63 5.14
C LEU A 241 5.23 22.28 4.18
N MET A 242 5.69 21.53 3.19
CA MET A 242 6.63 22.09 2.22
C MET A 242 5.96 23.18 1.38
N TYR A 243 4.70 22.97 1.05
CA TYR A 243 3.95 23.94 0.26
C TYR A 243 3.73 25.22 1.04
N LEU A 244 3.48 25.08 2.34
CA LEU A 244 3.25 26.24 3.20
C LEU A 244 4.50 27.11 3.23
N LEU A 245 5.64 26.49 3.53
CA LEU A 245 6.91 27.19 3.64
C LEU A 245 7.48 27.64 2.31
N SER A 246 7.14 26.93 1.24
CA SER A 246 7.65 27.26 -0.07
C SER A 246 7.50 28.74 -0.42
N GLY A 247 8.60 29.35 -0.86
CA GLY A 247 8.57 30.75 -1.25
C GLY A 247 8.57 31.76 -0.12
N SER A 248 8.99 31.35 1.06
CA SER A 248 9.03 32.28 2.19
C SER A 248 10.37 32.22 2.92
N THR A 249 10.51 33.08 3.91
CA THR A 249 11.73 33.16 4.70
C THR A 249 12.16 31.79 5.22
N TRP A 250 11.18 30.93 5.48
CA TRP A 250 11.45 29.61 6.01
C TRP A 250 11.28 28.49 5.00
N SER A 251 11.50 28.80 3.73
CA SER A 251 11.39 27.83 2.66
C SER A 251 12.42 26.71 2.87
N VAL A 252 12.06 25.48 2.51
CA VAL A 252 12.99 24.36 2.68
C VAL A 252 14.17 24.51 1.72
N SER A 253 15.37 24.23 2.23
CA SER A 253 16.57 24.35 1.43
C SER A 253 17.44 23.09 1.44
N ASP A 254 17.10 22.12 2.27
CA ASP A 254 17.85 20.88 2.34
C ASP A 254 17.90 20.22 0.96
N PRO A 255 19.10 19.86 0.48
CA PRO A 255 19.26 19.23 -0.83
C PRO A 255 18.52 17.89 -0.95
N ASN A 256 18.37 17.20 0.18
CA ASN A 256 17.69 15.91 0.19
C ASN A 256 16.21 16.01 -0.16
N GLN A 257 15.66 17.21 -0.10
CA GLN A 257 14.24 17.36 -0.42
C GLN A 257 13.93 16.80 -1.81
N SER A 258 14.95 16.68 -2.66
CA SER A 258 14.73 16.17 -4.00
C SER A 258 14.37 14.69 -3.98
N ASN A 259 14.61 14.03 -2.86
CA ASN A 259 14.26 12.62 -2.73
C ASN A 259 12.75 12.50 -2.71
N VAL A 260 12.08 13.58 -2.33
CA VAL A 260 10.63 13.59 -2.30
C VAL A 260 10.09 13.31 -3.71
N TRP A 261 10.74 13.89 -4.71
CA TRP A 261 10.32 13.69 -6.10
C TRP A 261 10.41 12.21 -6.45
N GLN A 262 11.48 11.56 -6.00
CA GLN A 262 11.70 10.15 -6.27
C GLN A 262 10.66 9.27 -5.59
N TRP A 263 10.18 9.70 -4.43
CA TRP A 263 9.16 8.95 -3.70
C TRP A 263 8.00 8.69 -4.65
N ILE A 264 7.55 9.73 -5.32
CA ILE A 264 6.42 9.63 -6.23
C ILE A 264 6.68 8.68 -7.40
N TYR A 265 7.89 8.69 -7.93
CA TYR A 265 8.19 7.83 -9.05
C TYR A 265 8.43 6.37 -8.70
N GLU A 266 9.22 6.14 -7.64
CA GLU A 266 9.57 4.78 -7.23
C GLU A 266 8.81 4.19 -6.05
N ALA A 267 8.34 5.02 -5.13
CA ALA A 267 7.64 4.52 -3.97
C ALA A 267 6.12 4.41 -4.14
N TYR A 268 5.51 5.40 -4.78
CA TYR A 268 4.05 5.39 -4.95
C TYR A 268 3.48 4.94 -6.28
N ARG A 269 3.89 5.58 -7.36
CA ARG A 269 3.35 5.25 -8.68
C ARG A 269 3.18 3.76 -8.98
N PRO A 270 4.22 2.95 -8.76
CA PRO A 270 4.16 1.51 -9.02
C PRO A 270 3.10 0.76 -8.20
N LEU A 271 2.71 1.32 -7.06
CA LEU A 271 1.74 0.68 -6.20
C LEU A 271 0.32 1.22 -6.32
N LEU A 272 0.10 2.03 -7.34
CA LEU A 272 -1.21 2.60 -7.60
C LEU A 272 -1.80 1.89 -8.80
N TYR A 273 -3.08 1.53 -8.70
CA TYR A 273 -3.76 0.89 -9.82
C TYR A 273 -5.15 1.44 -10.00
N LYS A 274 -5.29 2.33 -10.98
CA LYS A 274 -6.56 2.96 -11.31
C LYS A 274 -7.26 3.59 -10.09
N GLY A 275 -6.49 4.27 -9.27
CA GLY A 275 -7.06 4.93 -8.11
C GLY A 275 -6.85 4.24 -6.78
N ALA A 276 -6.50 2.96 -6.81
CA ALA A 276 -6.29 2.22 -5.58
C ALA A 276 -4.85 2.14 -5.13
N MET A 277 -4.62 2.24 -3.82
CA MET A 277 -3.28 2.10 -3.25
C MET A 277 -3.30 0.65 -2.76
N MET A 278 -2.43 -0.18 -3.31
CA MET A 278 -2.42 -1.58 -2.92
C MET A 278 -2.41 -1.87 -1.43
N ASP A 279 -3.39 -2.65 -1.00
CA ASP A 279 -3.55 -3.02 0.40
C ASP A 279 -2.30 -3.68 1.02
N MET A 280 -1.51 -4.37 0.21
CA MET A 280 -0.33 -5.04 0.75
C MET A 280 0.68 -4.14 1.44
N VAL A 281 0.61 -2.84 1.21
CA VAL A 281 1.53 -1.92 1.86
C VAL A 281 0.80 -0.92 2.77
N ARG A 282 -0.40 -1.27 3.19
CA ARG A 282 -1.18 -0.39 4.06
C ARG A 282 -1.19 -0.88 5.50
N GLY A 283 -0.51 -2.00 5.77
CA GLY A 283 -0.45 -2.53 7.12
C GLY A 283 -1.79 -2.80 7.79
N ARG A 284 -1.92 -2.38 9.04
CA ARG A 284 -3.16 -2.62 9.79
C ARG A 284 -4.32 -1.75 9.35
N GLU A 285 -4.05 -0.78 8.49
CA GLU A 285 -5.10 0.12 8.03
C GLU A 285 -6.13 -0.50 7.13
N ILE A 286 -5.86 -1.71 6.65
CA ILE A 286 -6.81 -2.40 5.78
C ILE A 286 -8.08 -2.70 6.58
N SER A 287 -7.99 -2.64 7.90
CA SER A 287 -9.14 -2.93 8.76
C SER A 287 -10.02 -1.70 9.01
N ARG A 288 -9.71 -0.58 8.36
CA ARG A 288 -10.47 0.65 8.52
C ARG A 288 -11.47 0.84 7.39
N SER A 289 -12.75 0.85 7.75
CA SER A 289 -13.82 1.00 6.77
C SER A 289 -13.75 2.32 6.04
N TYR A 290 -13.27 3.36 6.71
CA TYR A 290 -13.18 4.67 6.07
C TYR A 290 -11.95 4.84 5.21
N ALA A 291 -11.06 3.83 5.22
CA ALA A 291 -9.84 3.91 4.42
C ALA A 291 -9.58 2.68 3.55
N GLN A 292 -10.51 2.36 2.64
CA GLN A 292 -10.30 1.23 1.75
C GLN A 292 -9.39 1.70 0.60
N ASP A 293 -8.82 0.78 -0.18
CA ASP A 293 -7.85 1.16 -1.20
C ASP A 293 -8.04 2.38 -2.10
N HIS A 294 -9.23 2.57 -2.67
CA HIS A 294 -9.45 3.73 -3.52
C HIS A 294 -9.47 5.02 -2.73
N ALA A 295 -10.07 4.99 -1.54
CA ALA A 295 -10.14 6.17 -0.70
C ALA A 295 -8.72 6.61 -0.40
N VAL A 296 -7.87 5.65 -0.02
CA VAL A 296 -6.47 5.92 0.29
C VAL A 296 -5.75 6.43 -0.96
N GLY A 297 -6.01 5.77 -2.10
CA GLY A 297 -5.40 6.19 -3.35
C GLY A 297 -5.71 7.65 -3.65
N HIS A 298 -6.98 8.05 -3.47
CA HIS A 298 -7.35 9.44 -3.72
C HIS A 298 -6.50 10.36 -2.84
N GLY A 299 -6.27 9.95 -1.60
CA GLY A 299 -5.46 10.76 -0.70
C GLY A 299 -4.05 10.97 -1.23
N ILE A 300 -3.47 9.91 -1.80
CA ILE A 300 -2.14 9.99 -2.34
C ILE A 300 -2.09 10.93 -3.54
N VAL A 301 -3.09 10.83 -4.42
CA VAL A 301 -3.10 11.68 -5.60
C VAL A 301 -3.30 13.14 -5.18
N ALA A 302 -4.06 13.35 -4.10
CA ALA A 302 -4.28 14.69 -3.60
C ALA A 302 -2.94 15.30 -3.21
N SER A 303 -2.06 14.49 -2.61
CA SER A 303 -0.75 14.98 -2.21
C SER A 303 0.11 15.30 -3.43
N ILE A 304 -0.02 14.48 -4.47
CA ILE A 304 0.74 14.72 -5.69
C ILE A 304 0.30 16.05 -6.29
N VAL A 305 -1.01 16.31 -6.26
CA VAL A 305 -1.51 17.58 -6.80
C VAL A 305 -0.94 18.73 -5.97
N ARG A 306 -0.86 18.53 -4.66
CA ARG A 306 -0.32 19.55 -3.78
C ARG A 306 1.13 19.84 -4.18
N LEU A 307 1.93 18.78 -4.31
CA LEU A 307 3.34 18.94 -4.69
C LEU A 307 3.51 19.65 -6.02
N ALA A 308 2.56 19.43 -6.93
CA ALA A 308 2.61 20.03 -8.26
C ALA A 308 2.54 21.54 -8.23
N GLN A 309 2.08 22.11 -7.12
CA GLN A 309 1.95 23.55 -6.99
C GLN A 309 3.29 24.29 -6.84
N PHE A 310 4.27 23.64 -6.22
CA PHE A 310 5.55 24.30 -5.99
C PHE A 310 6.76 23.47 -6.42
N ALA A 311 6.51 22.27 -6.94
CA ALA A 311 7.61 21.43 -7.37
C ALA A 311 8.29 22.05 -8.57
N PRO A 312 9.62 21.92 -8.67
CA PRO A 312 10.36 22.49 -9.80
C PRO A 312 10.16 21.63 -11.04
N ALA A 313 10.25 22.22 -12.22
CA ALA A 313 10.11 21.44 -13.44
C ALA A 313 11.37 20.57 -13.52
N PRO A 314 11.30 19.41 -14.20
CA PRO A 314 10.14 18.85 -14.90
C PRO A 314 9.15 18.17 -13.97
N HIS A 315 9.56 17.95 -12.72
CA HIS A 315 8.72 17.29 -11.74
C HIS A 315 7.29 17.80 -11.65
N ALA A 316 7.15 19.10 -11.48
CA ALA A 316 5.82 19.70 -11.38
C ALA A 316 4.91 19.20 -12.49
N ALA A 317 5.38 19.33 -13.74
CA ALA A 317 4.60 18.91 -14.90
C ALA A 317 4.30 17.40 -14.90
N ALA A 318 5.31 16.60 -14.56
CA ALA A 318 5.15 15.15 -14.53
C ALA A 318 4.11 14.75 -13.49
N PHE A 319 4.13 15.45 -12.37
CA PHE A 319 3.16 15.17 -11.31
C PHE A 319 1.76 15.41 -11.84
N LYS A 320 1.60 16.51 -12.58
CA LYS A 320 0.30 16.86 -13.15
C LYS A 320 -0.21 15.77 -14.08
N GLN A 321 0.66 15.24 -14.93
CA GLN A 321 0.29 14.19 -15.86
C GLN A 321 -0.16 12.92 -15.12
N ILE A 322 0.55 12.57 -14.06
CA ILE A 322 0.21 11.38 -13.29
C ILE A 322 -1.14 11.54 -12.60
N ALA A 323 -1.35 12.70 -11.98
CA ALA A 323 -2.60 12.95 -11.29
C ALA A 323 -3.75 12.91 -12.31
N LYS A 324 -3.55 13.56 -13.45
CA LYS A 324 -4.59 13.59 -14.46
C LYS A 324 -4.99 12.18 -14.91
N ARG A 325 -4.01 11.30 -15.10
CA ARG A 325 -4.31 9.93 -15.53
C ARG A 325 -5.12 9.19 -14.49
N VAL A 326 -4.65 9.18 -13.25
CA VAL A 326 -5.35 8.49 -12.18
C VAL A 326 -6.77 9.00 -11.98
N ILE A 327 -6.96 10.31 -12.04
CA ILE A 327 -8.29 10.85 -11.87
C ILE A 327 -9.22 10.34 -12.96
N GLN A 328 -8.70 10.18 -14.17
CA GLN A 328 -9.52 9.69 -15.27
C GLN A 328 -9.68 8.18 -15.24
N GLU A 329 -8.72 7.47 -14.66
CA GLU A 329 -8.77 6.02 -14.60
C GLU A 329 -9.77 5.46 -13.61
N ASP A 330 -9.94 6.15 -12.49
CA ASP A 330 -10.82 5.68 -11.44
C ASP A 330 -12.31 5.93 -11.66
N THR A 331 -12.95 4.95 -12.28
CA THR A 331 -14.37 5.01 -12.58
C THR A 331 -15.19 4.30 -11.50
N PHE A 332 -14.51 3.88 -10.44
CA PHE A 332 -15.19 3.19 -9.35
C PHE A 332 -15.75 4.19 -8.35
N SER A 333 -14.88 5.09 -7.90
CA SER A 333 -15.25 6.11 -6.93
C SER A 333 -14.63 7.44 -7.37
N SER A 334 -15.47 8.46 -7.54
CA SER A 334 -14.98 9.76 -7.97
C SER A 334 -13.90 10.32 -7.05
N PHE A 335 -12.79 10.72 -7.66
CA PHE A 335 -11.67 11.31 -6.95
C PHE A 335 -12.10 12.57 -6.19
N TYR A 336 -12.91 13.41 -6.83
CA TYR A 336 -13.36 14.65 -6.19
C TYR A 336 -14.27 14.37 -5.01
N GLY A 337 -14.80 13.15 -4.97
CA GLY A 337 -15.71 12.78 -3.90
C GLY A 337 -15.17 12.70 -2.48
N ASP A 338 -13.86 12.54 -2.29
CA ASP A 338 -13.36 12.45 -0.92
C ASP A 338 -12.01 13.11 -0.64
N VAL A 339 -11.78 14.27 -1.24
CA VAL A 339 -10.56 15.03 -1.00
C VAL A 339 -11.01 16.43 -0.61
N SER A 340 -10.09 17.28 -0.16
CA SER A 340 -10.45 18.63 0.25
C SER A 340 -10.92 19.51 -0.90
N THR A 341 -11.77 20.49 -0.60
CA THR A 341 -12.29 21.39 -1.62
C THR A 341 -11.15 22.07 -2.36
N ASP A 342 -10.09 22.42 -1.65
CA ASP A 342 -8.95 23.05 -2.30
C ASP A 342 -8.35 22.07 -3.31
N THR A 343 -8.31 20.80 -2.93
CA THR A 343 -7.77 19.80 -3.83
C THR A 343 -8.63 19.73 -5.08
N ILE A 344 -9.94 19.82 -4.90
CA ILE A 344 -10.83 19.76 -6.05
C ILE A 344 -10.56 20.90 -7.00
N ARG A 345 -10.43 22.11 -6.44
CA ARG A 345 -10.15 23.30 -7.24
C ARG A 345 -8.87 23.10 -8.06
N LEU A 346 -7.79 22.75 -7.37
CA LEU A 346 -6.50 22.53 -8.00
C LEU A 346 -6.52 21.37 -9.01
N ALA A 347 -7.24 20.31 -8.68
CA ALA A 347 -7.32 19.15 -9.54
C ALA A 347 -8.04 19.48 -10.86
N LYS A 348 -9.19 20.13 -10.76
CA LYS A 348 -9.96 20.50 -11.95
C LYS A 348 -9.10 21.32 -12.91
N ALA A 349 -8.29 22.21 -12.35
CA ALA A 349 -7.42 23.06 -13.15
C ALA A 349 -6.45 22.23 -14.00
N ILE A 350 -6.17 21.02 -13.54
CA ILE A 350 -5.26 20.13 -14.27
C ILE A 350 -6.02 19.30 -15.30
N VAL A 351 -7.12 18.70 -14.88
CA VAL A 351 -7.90 17.86 -15.77
C VAL A 351 -8.50 18.60 -16.95
N ASP A 352 -8.86 19.87 -16.76
CA ASP A 352 -9.47 20.63 -17.85
C ASP A 352 -8.44 21.32 -18.74
N ASP A 353 -7.19 21.36 -18.29
CA ASP A 353 -6.12 21.97 -19.07
C ASP A 353 -5.76 21.02 -20.19
N PRO A 354 -6.15 21.33 -21.42
CA PRO A 354 -5.86 20.48 -22.57
C PRO A 354 -4.39 20.34 -22.90
N SER A 355 -3.57 21.29 -22.48
CA SER A 355 -2.14 21.22 -22.78
C SER A 355 -1.47 20.14 -21.93
N ILE A 356 -2.21 19.59 -20.97
CA ILE A 356 -1.67 18.55 -20.10
C ILE A 356 -2.25 17.19 -20.43
N ALA A 357 -1.40 16.30 -20.95
CA ALA A 357 -1.81 14.97 -21.32
C ALA A 357 -1.58 13.96 -20.19
N PRO A 358 -2.44 12.93 -20.09
CA PRO A 358 -2.31 11.91 -19.05
C PRO A 358 -0.98 11.19 -19.20
N ALA A 359 -0.36 10.85 -18.07
CA ALA A 359 0.91 10.15 -18.09
C ALA A 359 0.66 8.74 -18.62
N ALA A 360 1.72 8.09 -19.10
CA ALA A 360 1.56 6.73 -19.60
C ALA A 360 1.37 5.82 -18.41
N ALA A 361 0.70 4.70 -18.62
CA ALA A 361 0.48 3.76 -17.55
C ALA A 361 1.79 3.01 -17.27
N PRO A 362 2.11 2.77 -16.00
CA PRO A 362 3.36 2.05 -15.74
C PRO A 362 3.28 0.63 -16.31
N ASN A 363 4.43 0.15 -16.76
CA ASN A 363 4.55 -1.19 -17.31
C ASN A 363 5.91 -1.67 -16.87
N LEU A 364 5.92 -2.50 -15.83
CA LEU A 364 7.18 -2.99 -15.30
C LEU A 364 7.03 -4.02 -14.21
N TYR A 365 8.19 -4.46 -13.71
CA TYR A 365 8.29 -5.38 -12.60
C TYR A 365 9.23 -4.65 -11.66
N LYS A 366 8.94 -4.68 -10.38
CA LYS A 366 9.79 -4.02 -9.41
C LYS A 366 9.89 -4.85 -8.15
N GLN A 367 11.11 -4.99 -7.64
CA GLN A 367 11.35 -5.75 -6.42
C GLN A 367 11.62 -4.75 -5.29
N TYR A 368 10.71 -4.68 -4.33
CA TYR A 368 10.90 -3.80 -3.19
C TYR A 368 11.59 -4.67 -2.17
N ALA A 369 12.89 -4.83 -2.33
CA ALA A 369 13.71 -5.65 -1.47
C ALA A 369 13.75 -5.29 0.01
N ALA A 370 13.67 -3.99 0.31
CA ALA A 370 13.74 -3.55 1.70
C ALA A 370 12.50 -3.89 2.49
N MET A 371 11.38 -4.11 1.81
CA MET A 371 10.15 -4.44 2.53
C MET A 371 9.49 -5.74 2.10
N ASP A 372 10.25 -6.63 1.46
CA ASP A 372 9.76 -7.94 1.02
C ASP A 372 8.44 -7.85 0.25
N ARG A 373 8.42 -6.98 -0.76
CA ARG A 373 7.25 -6.78 -1.60
C ARG A 373 7.69 -6.76 -3.07
N ALA A 374 6.78 -7.09 -3.96
CA ALA A 374 7.08 -7.08 -5.39
C ALA A 374 5.78 -6.71 -6.10
N VAL A 375 5.92 -6.02 -7.24
CA VAL A 375 4.74 -5.62 -7.97
C VAL A 375 4.98 -5.75 -9.47
N LEU A 376 3.95 -6.20 -10.19
CA LEU A 376 4.01 -6.34 -11.63
C LEU A 376 2.88 -5.49 -12.23
N GLN A 377 3.23 -4.62 -13.16
CA GLN A 377 2.26 -3.74 -13.81
C GLN A 377 2.27 -4.00 -15.31
N ARG A 378 1.11 -4.36 -15.84
CA ARG A 378 0.96 -4.65 -17.25
C ARG A 378 -0.30 -3.96 -17.78
N PRO A 379 -0.45 -3.91 -19.11
CA PRO A 379 -1.67 -3.25 -19.59
C PRO A 379 -2.81 -4.21 -19.21
N GLY A 380 -3.88 -3.70 -18.63
CA GLY A 380 -4.97 -4.58 -18.29
C GLY A 380 -4.96 -5.28 -16.94
N PHE A 381 -3.82 -5.28 -16.25
CA PHE A 381 -3.78 -5.91 -14.93
C PHE A 381 -2.50 -5.63 -14.17
N ALA A 382 -2.57 -5.81 -12.85
CA ALA A 382 -1.41 -5.61 -11.99
C ALA A 382 -1.43 -6.72 -10.95
N LEU A 383 -0.24 -7.14 -10.53
CA LEU A 383 -0.12 -8.19 -9.53
C LEU A 383 0.76 -7.69 -8.39
N GLY A 384 0.27 -7.85 -7.18
CA GLY A 384 1.04 -7.43 -6.01
C GLY A 384 1.39 -8.68 -5.21
N LEU A 385 2.63 -8.78 -4.75
CA LEU A 385 3.06 -9.94 -3.99
C LEU A 385 3.61 -9.54 -2.61
N ALA A 386 2.93 -9.99 -1.56
CA ALA A 386 3.33 -9.67 -0.21
C ALA A 386 4.02 -10.86 0.48
N LEU A 387 5.22 -10.62 0.98
CA LEU A 387 6.02 -11.65 1.65
C LEU A 387 6.50 -11.16 3.01
N TYR A 388 7.17 -12.04 3.75
CA TYR A 388 7.72 -11.67 5.04
C TYR A 388 8.94 -12.56 5.30
N SER A 389 9.77 -12.15 6.25
CA SER A 389 11.00 -12.88 6.55
C SER A 389 11.56 -12.47 7.90
N THR A 390 12.86 -12.67 8.05
CA THR A 390 13.56 -12.31 9.27
C THR A 390 13.64 -10.79 9.39
N ARG A 391 13.35 -10.10 8.28
CA ARG A 391 13.42 -8.64 8.24
C ARG A 391 12.07 -7.93 8.31
N ILE A 392 11.04 -8.57 7.77
CA ILE A 392 9.70 -8.01 7.75
C ILE A 392 8.71 -8.92 8.47
N SER A 393 7.80 -8.34 9.25
CA SER A 393 6.82 -9.13 10.00
C SER A 393 5.62 -9.59 9.17
N SER A 394 5.00 -10.69 9.61
CA SER A 394 3.83 -11.29 8.98
C SER A 394 2.69 -10.29 8.79
N TYR A 395 2.39 -9.54 9.85
CA TYR A 395 1.33 -8.54 9.83
C TYR A 395 1.33 -7.81 11.15
N GLU A 396 0.75 -6.62 11.17
CA GLU A 396 0.68 -5.85 12.40
C GLU A 396 -0.76 -5.77 12.90
N SER A 397 -0.92 -5.83 14.22
CA SER A 397 -2.23 -5.77 14.82
C SER A 397 -2.10 -5.19 16.22
N ILE A 398 -2.38 -3.90 16.34
CA ILE A 398 -2.30 -3.22 17.63
C ILE A 398 -3.55 -2.37 17.78
N ASN A 399 -3.82 -1.95 19.01
CA ASN A 399 -5.00 -1.12 19.32
C ASN A 399 -6.30 -1.71 18.77
N SER A 400 -6.42 -3.03 18.89
CA SER A 400 -7.61 -3.75 18.43
C SER A 400 -7.89 -3.62 16.93
N GLU A 401 -6.84 -3.42 16.15
CA GLU A 401 -6.99 -3.28 14.70
C GLU A 401 -6.32 -4.42 13.94
N ASN A 402 -6.97 -4.89 12.88
CA ASN A 402 -6.43 -5.94 12.00
C ASN A 402 -6.25 -7.30 12.68
N GLY A 403 -7.26 -7.70 13.46
CA GLY A 403 -7.18 -8.97 14.17
C GLY A 403 -7.14 -10.21 13.31
N ARG A 404 -7.48 -10.09 12.04
CA ARG A 404 -7.47 -11.26 11.16
C ARG A 404 -6.55 -11.09 9.96
N GLY A 405 -5.45 -10.36 10.13
CA GLY A 405 -4.53 -10.13 9.03
C GLY A 405 -3.42 -11.17 8.93
N TRP A 406 -3.54 -12.22 9.74
CA TRP A 406 -2.58 -13.33 9.81
C TRP A 406 -1.75 -13.63 8.56
N TYR A 407 -2.42 -13.89 7.44
CA TYR A 407 -1.75 -14.25 6.20
C TYR A 407 -1.71 -13.22 5.07
N THR A 408 -2.05 -11.97 5.37
CA THR A 408 -2.07 -10.94 4.33
C THR A 408 -0.71 -10.62 3.73
N GLY A 409 0.35 -11.12 4.35
CA GLY A 409 1.69 -10.89 3.83
C GLY A 409 2.53 -12.15 3.85
N ALA A 410 1.89 -13.31 3.75
CA ALA A 410 2.60 -14.58 3.77
C ALA A 410 2.59 -15.26 2.40
N GLY A 411 3.14 -14.58 1.41
CA GLY A 411 3.16 -15.13 0.07
C GLY A 411 1.80 -14.93 -0.54
N ALA A 412 1.18 -13.80 -0.20
CA ALA A 412 -0.14 -13.45 -0.68
C ALA A 412 -0.06 -12.77 -2.04
N THR A 413 -0.91 -13.18 -2.96
CA THR A 413 -0.94 -12.59 -4.28
C THR A 413 -2.21 -11.75 -4.40
N TYR A 414 -2.06 -10.53 -4.91
CA TYR A 414 -3.20 -9.66 -5.09
C TYR A 414 -3.32 -9.29 -6.56
N LEU A 415 -4.42 -9.70 -7.18
CA LEU A 415 -4.61 -9.44 -8.59
C LEU A 415 -5.52 -8.24 -8.83
N TYR A 416 -5.06 -7.32 -9.68
CA TYR A 416 -5.81 -6.11 -10.00
C TYR A 416 -6.17 -6.09 -11.47
N ASN A 417 -7.45 -5.85 -11.75
CA ASN A 417 -7.92 -5.79 -13.12
C ASN A 417 -9.05 -4.77 -13.23
N GLN A 418 -9.89 -4.91 -14.25
CA GLN A 418 -10.97 -3.96 -14.48
C GLN A 418 -12.00 -3.89 -13.35
N ASP A 419 -12.04 -4.92 -12.49
CA ASP A 419 -12.95 -4.91 -11.34
C ASP A 419 -12.22 -4.11 -10.28
N LEU A 420 -12.35 -2.79 -10.36
CA LEU A 420 -11.68 -1.89 -9.43
C LEU A 420 -12.21 -1.99 -8.01
N ALA A 421 -13.33 -2.68 -7.85
CA ALA A 421 -13.95 -2.81 -6.55
C ALA A 421 -13.58 -4.05 -5.74
N GLN A 422 -12.89 -4.99 -6.36
CA GLN A 422 -12.50 -6.25 -5.70
C GLN A 422 -12.12 -6.11 -4.21
N TYR A 423 -11.22 -5.20 -3.89
CA TYR A 423 -10.78 -5.06 -2.51
C TYR A 423 -11.49 -4.00 -1.68
N SER A 424 -12.45 -3.32 -2.29
CA SER A 424 -13.25 -2.33 -1.59
C SER A 424 -14.61 -2.99 -1.39
N GLU A 425 -15.60 -2.21 -0.99
CA GLU A 425 -16.93 -2.72 -0.78
C GLU A 425 -16.96 -3.84 0.25
N ASP A 426 -16.30 -3.59 1.38
CA ASP A 426 -16.30 -4.53 2.50
C ASP A 426 -15.71 -5.91 2.23
N TYR A 427 -14.60 -5.95 1.51
CA TYR A 427 -13.92 -7.20 1.22
C TYR A 427 -13.34 -7.73 2.52
N TRP A 428 -12.49 -6.92 3.14
CA TRP A 428 -11.80 -7.30 4.36
C TRP A 428 -12.61 -7.85 5.52
N PRO A 429 -13.80 -7.31 5.78
CA PRO A 429 -14.55 -7.87 6.91
C PRO A 429 -15.37 -9.11 6.56
N THR A 430 -15.42 -9.46 5.29
CA THR A 430 -16.20 -10.63 4.88
C THR A 430 -15.39 -11.79 4.33
N VAL A 431 -14.23 -11.50 3.76
CA VAL A 431 -13.38 -12.56 3.20
C VAL A 431 -12.91 -13.53 4.27
N ASP A 432 -12.75 -14.80 3.90
CA ASP A 432 -12.28 -15.83 4.83
C ASP A 432 -10.79 -15.55 5.06
N ALA A 433 -10.47 -14.94 6.20
CA ALA A 433 -9.10 -14.58 6.54
C ALA A 433 -8.12 -15.75 6.60
N TYR A 434 -8.63 -16.97 6.70
CA TYR A 434 -7.78 -18.14 6.75
C TYR A 434 -7.40 -18.61 5.36
N ARG A 435 -8.02 -18.03 4.34
CA ARG A 435 -7.71 -18.43 2.97
C ARG A 435 -7.35 -17.27 2.07
N ILE A 436 -6.23 -16.62 2.38
CA ILE A 436 -5.75 -15.51 1.57
C ILE A 436 -5.11 -16.09 0.31
N PRO A 437 -5.50 -15.57 -0.86
CA PRO A 437 -4.96 -16.05 -2.14
C PRO A 437 -3.44 -16.21 -2.21
N GLY A 438 -3.02 -17.35 -2.77
CA GLY A 438 -1.62 -17.63 -2.95
C GLY A 438 -0.85 -18.20 -1.79
N THR A 439 -1.46 -18.22 -0.62
CA THR A 439 -0.78 -18.72 0.58
C THR A 439 -0.98 -20.22 0.81
N THR A 440 -0.06 -20.78 1.60
CA THR A 440 -0.09 -22.18 1.98
C THR A 440 -0.20 -22.17 3.50
N VAL A 441 -1.27 -22.76 4.02
CA VAL A 441 -1.50 -22.75 5.46
C VAL A 441 -2.07 -24.04 6.01
N ALA A 442 -2.13 -24.11 7.34
CA ALA A 442 -2.74 -25.25 8.03
C ALA A 442 -4.17 -24.75 8.14
N SER A 443 -5.10 -25.50 7.57
CA SER A 443 -6.51 -25.12 7.56
C SER A 443 -7.06 -24.46 8.84
N GLY A 444 -7.73 -23.33 8.64
CA GLY A 444 -8.35 -22.58 9.72
C GLY A 444 -7.53 -22.33 10.97
N THR A 445 -6.22 -22.22 10.81
CA THR A 445 -5.32 -21.97 11.94
C THR A 445 -4.55 -20.69 11.69
N PRO A 446 -4.43 -19.83 12.72
CA PRO A 446 -3.70 -18.57 12.55
C PRO A 446 -2.22 -18.66 12.86
N ILE A 447 -1.52 -17.56 12.68
CA ILE A 447 -0.11 -17.47 12.97
C ILE A 447 0.05 -16.18 13.74
N ALA A 448 1.21 -15.99 14.36
CA ALA A 448 1.41 -14.78 15.14
C ALA A 448 2.00 -13.64 14.34
N SER A 449 1.91 -12.45 14.92
CA SER A 449 2.45 -11.25 14.31
C SER A 449 3.93 -11.24 14.67
N GLY A 450 4.79 -11.24 13.68
CA GLY A 450 6.22 -11.23 13.97
C GLY A 450 7.06 -11.57 12.77
N THR A 451 8.37 -11.48 12.94
CA THR A 451 9.29 -11.79 11.87
C THR A 451 9.44 -13.30 11.76
N GLY A 452 9.91 -13.75 10.60
CA GLY A 452 10.10 -15.17 10.38
C GLY A 452 11.49 -15.59 10.80
N THR A 453 11.87 -16.80 10.44
CA THR A 453 13.19 -17.31 10.80
C THR A 453 14.07 -17.55 9.57
N SER A 454 13.53 -17.32 8.38
CA SER A 454 14.30 -17.50 7.16
C SER A 454 14.62 -16.13 6.57
N SER A 455 15.80 -16.00 5.99
CA SER A 455 16.21 -14.74 5.40
C SER A 455 16.01 -14.77 3.88
N TRP A 456 15.75 -15.96 3.35
CA TRP A 456 15.53 -16.12 1.92
C TRP A 456 14.12 -15.68 1.52
N THR A 457 13.99 -14.38 1.27
CA THR A 457 12.74 -13.77 0.86
C THR A 457 13.13 -12.61 -0.06
N GLY A 458 12.62 -12.63 -1.28
CA GLY A 458 12.94 -11.58 -2.22
C GLY A 458 12.88 -12.10 -3.63
N GLY A 459 13.75 -11.57 -4.49
CA GLY A 459 13.73 -12.03 -5.85
C GLY A 459 14.63 -11.21 -6.75
N VAL A 460 14.53 -11.49 -8.04
CA VAL A 460 15.34 -10.80 -9.02
C VAL A 460 14.50 -10.07 -10.07
N SER A 461 15.08 -9.02 -10.63
CA SER A 461 14.40 -8.23 -11.64
C SER A 461 15.28 -8.24 -12.88
N LEU A 462 14.69 -8.56 -14.04
CA LEU A 462 15.44 -8.56 -15.29
C LEU A 462 15.11 -7.28 -16.05
N ALA A 463 16.03 -6.31 -16.02
CA ALA A 463 15.83 -5.05 -16.71
C ALA A 463 14.47 -4.39 -16.34
N GLY A 464 14.02 -4.59 -15.11
CA GLY A 464 12.76 -4.02 -14.71
C GLY A 464 11.58 -4.42 -15.58
N GLN A 465 11.74 -5.47 -16.38
CA GLN A 465 10.65 -5.94 -17.25
C GLN A 465 10.00 -7.21 -16.73
N TYR A 466 10.82 -8.21 -16.39
CA TYR A 466 10.31 -9.45 -15.86
C TYR A 466 10.96 -9.71 -14.52
N GLY A 467 10.48 -10.72 -13.80
CA GLY A 467 11.05 -11.02 -12.51
C GLY A 467 10.62 -12.34 -11.90
N ALA A 468 11.22 -12.65 -10.76
CA ALA A 468 10.91 -13.86 -10.04
C ALA A 468 11.06 -13.54 -8.57
N SER A 469 10.25 -14.18 -7.74
CA SER A 469 10.33 -13.97 -6.32
C SER A 469 10.23 -15.31 -5.63
N GLY A 470 10.58 -15.34 -4.36
CA GLY A 470 10.53 -16.57 -3.61
C GLY A 470 10.48 -16.27 -2.13
N MET A 471 9.97 -17.23 -1.38
CA MET A 471 9.87 -17.10 0.06
C MET A 471 10.09 -18.47 0.67
N ASP A 472 11.02 -18.54 1.63
CA ASP A 472 11.29 -19.79 2.32
C ASP A 472 10.30 -19.78 3.49
N LEU A 473 9.28 -20.63 3.41
CA LEU A 473 8.23 -20.67 4.42
C LEU A 473 8.49 -21.61 5.59
N SER A 474 8.29 -21.09 6.79
CA SER A 474 8.46 -21.84 8.03
C SER A 474 7.76 -21.05 9.11
N TYR A 475 6.55 -21.47 9.46
CA TYR A 475 5.78 -20.76 10.48
C TYR A 475 6.27 -21.11 11.88
N GLY A 476 6.11 -20.17 12.81
CA GLY A 476 6.53 -20.41 14.17
C GLY A 476 5.38 -20.97 15.01
N ALA A 477 4.17 -20.46 14.77
CA ALA A 477 2.99 -20.89 15.51
C ALA A 477 2.70 -22.37 15.37
N TYR A 478 3.22 -22.99 14.33
CA TYR A 478 3.00 -24.42 14.13
C TYR A 478 3.92 -24.92 13.02
N ASN A 479 4.14 -26.23 13.02
CA ASN A 479 5.02 -26.85 12.06
C ASN A 479 4.50 -26.91 10.64
N LEU A 480 5.16 -26.16 9.76
CA LEU A 480 4.84 -26.14 8.35
C LEU A 480 5.94 -25.41 7.63
N SER A 481 6.53 -26.05 6.64
CA SER A 481 7.59 -25.44 5.88
C SER A 481 7.39 -25.75 4.41
N ALA A 482 7.85 -24.84 3.54
CA ALA A 482 7.73 -25.03 2.11
C ALA A 482 8.54 -23.99 1.36
N ARG A 483 8.79 -24.25 0.08
CA ARG A 483 9.51 -23.29 -0.76
C ARG A 483 8.45 -22.75 -1.72
N LYS A 484 8.25 -21.45 -1.72
CA LYS A 484 7.27 -20.85 -2.60
C LYS A 484 7.96 -19.88 -3.56
N SER A 485 7.64 -20.01 -4.84
CA SER A 485 8.20 -19.16 -5.88
C SER A 485 7.15 -18.62 -6.83
N TRP A 486 7.45 -17.47 -7.43
CA TRP A 486 6.56 -16.81 -8.37
C TRP A 486 7.40 -16.24 -9.52
N PHE A 487 7.00 -16.55 -10.74
CA PHE A 487 7.70 -16.09 -11.93
C PHE A 487 6.75 -15.20 -12.70
N MET A 488 7.15 -13.95 -12.90
CA MET A 488 6.34 -12.97 -13.61
C MET A 488 6.81 -12.74 -15.02
N PHE A 489 5.98 -13.11 -15.98
CA PHE A 489 6.32 -12.93 -17.39
C PHE A 489 5.43 -11.86 -18.03
N ASP A 490 5.27 -11.92 -19.34
CA ASP A 490 4.45 -10.94 -20.05
C ASP A 490 2.97 -10.99 -19.67
N ASP A 491 2.31 -12.13 -19.87
CA ASP A 491 0.89 -12.18 -19.53
C ASP A 491 0.43 -13.34 -18.64
N GLU A 492 1.38 -14.03 -18.01
CA GLU A 492 1.04 -15.12 -17.10
C GLU A 492 1.99 -15.07 -15.93
N ILE A 493 1.49 -15.53 -14.78
CA ILE A 493 2.27 -15.58 -13.55
C ILE A 493 2.27 -17.04 -13.12
N VAL A 494 3.47 -17.59 -12.93
CA VAL A 494 3.61 -18.98 -12.55
C VAL A 494 3.98 -19.11 -11.08
N ALA A 495 3.13 -19.82 -10.33
CA ALA A 495 3.35 -20.05 -8.90
C ALA A 495 3.76 -21.50 -8.66
N LEU A 496 4.89 -21.69 -7.99
CA LEU A 496 5.38 -23.03 -7.71
C LEU A 496 5.62 -23.27 -6.22
N GLY A 497 5.28 -24.48 -5.78
CA GLY A 497 5.49 -24.84 -4.39
C GLY A 497 6.10 -26.23 -4.28
N SER A 498 7.05 -26.40 -3.37
CA SER A 498 7.67 -27.70 -3.17
C SER A 498 8.14 -27.82 -1.73
N GLY A 499 8.50 -29.04 -1.34
CA GLY A 499 8.97 -29.27 0.01
C GLY A 499 7.92 -28.97 1.08
N ILE A 500 6.65 -29.11 0.72
CA ILE A 500 5.60 -28.86 1.69
C ILE A 500 5.55 -30.03 2.67
N SER A 501 6.05 -29.78 3.88
CA SER A 501 6.08 -30.81 4.92
C SER A 501 5.58 -30.24 6.24
N SER A 502 4.90 -31.09 7.00
CA SER A 502 4.34 -30.68 8.28
C SER A 502 4.14 -31.87 9.21
N THR A 503 4.12 -31.59 10.51
CA THR A 503 3.88 -32.60 11.53
C THR A 503 2.79 -32.08 12.44
N ALA A 504 2.23 -30.92 12.08
CA ALA A 504 1.18 -30.26 12.86
C ALA A 504 -0.07 -31.10 13.10
N GLY A 505 -0.31 -32.10 12.26
CA GLY A 505 -1.48 -32.92 12.43
C GLY A 505 -2.76 -32.19 12.03
N ILE A 506 -2.61 -31.19 11.18
CA ILE A 506 -3.72 -30.39 10.68
C ILE A 506 -3.66 -30.37 9.16
N PRO A 507 -4.81 -30.45 8.47
CA PRO A 507 -4.81 -30.43 7.00
C PRO A 507 -4.11 -29.18 6.47
N ILE A 508 -3.25 -29.36 5.48
CA ILE A 508 -2.52 -28.25 4.87
C ILE A 508 -3.12 -27.92 3.51
N GLU A 509 -3.23 -26.64 3.20
CA GLU A 509 -3.78 -26.24 1.92
C GLU A 509 -3.10 -25.04 1.30
N THR A 510 -3.19 -24.94 -0.01
CA THR A 510 -2.64 -23.82 -0.76
C THR A 510 -3.81 -23.18 -1.48
N VAL A 511 -4.09 -21.92 -1.16
CA VAL A 511 -5.20 -21.20 -1.77
C VAL A 511 -4.84 -20.69 -3.15
N VAL A 512 -5.49 -21.25 -4.17
CA VAL A 512 -5.25 -20.81 -5.54
C VAL A 512 -5.83 -19.42 -5.68
N ASP A 513 -7.07 -19.24 -5.22
CA ASP A 513 -7.70 -17.93 -5.27
C ASP A 513 -8.94 -17.85 -4.39
N ASN A 514 -9.37 -16.62 -4.14
CA ASN A 514 -10.53 -16.37 -3.31
C ASN A 514 -11.02 -15.01 -3.78
N ARG A 515 -11.83 -15.00 -4.84
CA ARG A 515 -12.33 -13.75 -5.41
C ARG A 515 -13.74 -13.37 -4.97
N LYS A 516 -13.94 -12.08 -4.71
CA LYS A 516 -15.27 -11.59 -4.35
C LYS A 516 -16.04 -11.58 -5.66
N LEU A 517 -17.24 -12.14 -5.65
CA LEU A 517 -18.06 -12.19 -6.86
C LEU A 517 -19.05 -11.04 -6.96
N ASN A 518 -19.92 -11.08 -7.97
CA ASN A 518 -20.90 -10.01 -8.16
C ASN A 518 -22.05 -10.12 -7.17
N GLY A 519 -22.93 -9.12 -7.19
CA GLY A 519 -24.06 -9.09 -6.28
C GLY A 519 -24.89 -10.35 -6.24
N ALA A 520 -25.03 -11.01 -7.39
CA ALA A 520 -25.82 -12.22 -7.48
C ALA A 520 -24.98 -13.45 -7.16
N GLY A 521 -23.66 -13.29 -7.20
CA GLY A 521 -22.78 -14.41 -6.95
C GLY A 521 -22.95 -15.43 -8.06
N ASP A 522 -23.42 -14.99 -9.22
CA ASP A 522 -23.66 -15.89 -10.34
C ASP A 522 -22.64 -15.84 -11.48
N ASN A 523 -21.41 -15.42 -11.18
CA ASN A 523 -20.37 -15.36 -12.19
C ASN A 523 -20.23 -16.71 -12.85
N ALA A 524 -20.07 -16.73 -14.17
CA ALA A 524 -19.93 -18.01 -14.87
C ALA A 524 -18.50 -18.52 -14.75
N TRP A 525 -18.34 -19.84 -14.75
CA TRP A 525 -17.01 -20.42 -14.68
C TRP A 525 -16.98 -21.79 -15.30
N THR A 526 -15.84 -22.13 -15.89
CA THR A 526 -15.66 -23.38 -16.59
C THR A 526 -14.44 -24.15 -16.12
N ALA A 527 -14.47 -25.47 -16.27
CA ALA A 527 -13.35 -26.34 -15.90
C ALA A 527 -13.20 -27.37 -17.00
N ASN A 528 -12.02 -27.40 -17.63
CA ASN A 528 -11.77 -28.34 -18.70
C ASN A 528 -12.83 -28.25 -19.79
N GLY A 529 -13.38 -27.06 -19.98
CA GLY A 529 -14.39 -26.87 -21.00
C GLY A 529 -15.83 -27.10 -20.59
N ALA A 530 -16.04 -27.56 -19.37
CA ALA A 530 -17.40 -27.82 -18.90
C ALA A 530 -17.91 -26.68 -18.02
N ALA A 531 -19.12 -26.20 -18.30
CA ALA A 531 -19.71 -25.14 -17.52
C ALA A 531 -20.00 -25.70 -16.11
N LEU A 532 -19.73 -24.91 -15.08
CA LEU A 532 -19.96 -25.35 -13.71
C LEU A 532 -21.13 -24.61 -13.09
N SER A 533 -21.79 -25.25 -12.12
CA SER A 533 -22.92 -24.65 -11.44
C SER A 533 -22.51 -23.31 -10.85
N THR A 534 -23.44 -22.36 -10.82
CA THR A 534 -23.13 -21.04 -10.31
C THR A 534 -23.89 -20.66 -9.04
N GLY A 535 -24.60 -21.63 -8.47
CA GLY A 535 -25.38 -21.36 -7.27
C GLY A 535 -24.60 -21.09 -6.00
N LEU A 536 -25.11 -20.21 -5.17
CA LEU A 536 -24.45 -19.87 -3.91
C LEU A 536 -24.63 -20.98 -2.88
N GLY A 537 -23.67 -21.10 -1.97
CA GLY A 537 -23.75 -22.11 -0.93
C GLY A 537 -23.42 -23.52 -1.40
N VAL A 538 -22.79 -23.66 -2.55
CA VAL A 538 -22.44 -24.96 -3.07
C VAL A 538 -20.95 -25.23 -3.02
N ALA A 539 -20.56 -26.32 -2.39
CA ALA A 539 -19.16 -26.70 -2.29
C ALA A 539 -18.95 -27.83 -3.28
N GLN A 540 -17.83 -27.84 -3.98
CA GLN A 540 -17.59 -28.93 -4.92
C GLN A 540 -16.14 -29.19 -5.26
N THR A 541 -15.82 -30.47 -5.39
CA THR A 541 -14.49 -30.92 -5.70
C THR A 541 -14.34 -31.23 -7.18
N LEU A 542 -13.35 -30.59 -7.81
CA LEU A 542 -13.06 -30.79 -9.21
C LEU A 542 -11.80 -31.65 -9.28
N THR A 543 -11.94 -32.87 -9.80
CA THR A 543 -10.80 -33.77 -9.91
C THR A 543 -10.25 -33.81 -11.33
N GLY A 544 -8.95 -34.01 -11.45
CA GLY A 544 -8.31 -34.08 -12.74
C GLY A 544 -8.50 -32.82 -13.58
N VAL A 545 -8.41 -31.67 -12.94
CA VAL A 545 -8.58 -30.39 -13.61
C VAL A 545 -7.28 -29.88 -14.24
N ASN A 546 -7.38 -29.44 -15.50
CA ASN A 546 -6.23 -28.91 -16.21
C ASN A 546 -6.31 -27.40 -16.24
N TRP A 547 -7.51 -26.88 -16.42
CA TRP A 547 -7.70 -25.43 -16.41
C TRP A 547 -9.08 -25.03 -15.93
N VAL A 548 -9.16 -23.81 -15.40
CA VAL A 548 -10.39 -23.25 -14.89
C VAL A 548 -10.49 -21.83 -15.38
N HIS A 549 -11.71 -21.39 -15.65
CA HIS A 549 -11.92 -20.03 -16.09
C HIS A 549 -13.00 -19.45 -15.20
N LEU A 550 -12.79 -18.21 -14.79
CA LEU A 550 -13.77 -17.54 -13.95
C LEU A 550 -14.07 -16.19 -14.57
N ALA A 551 -15.34 -15.97 -14.89
CA ALA A 551 -15.77 -14.72 -15.49
C ALA A 551 -15.69 -13.64 -14.42
N GLY A 552 -15.24 -12.47 -14.80
CA GLY A 552 -15.11 -11.38 -13.85
C GLY A 552 -16.41 -10.65 -13.57
N ASN A 553 -16.33 -9.61 -12.75
CA ASN A 553 -17.51 -8.83 -12.42
C ASN A 553 -17.84 -7.75 -13.44
N THR A 554 -16.95 -7.53 -14.41
CA THR A 554 -17.17 -6.54 -15.45
C THR A 554 -17.35 -7.29 -16.77
N ALA A 555 -18.02 -6.65 -17.74
CA ALA A 555 -18.24 -7.27 -19.04
C ALA A 555 -16.92 -7.79 -19.61
N ASP A 556 -15.87 -6.98 -19.52
CA ASP A 556 -14.56 -7.41 -19.99
C ASP A 556 -13.48 -6.83 -19.09
N GLY A 557 -12.27 -7.34 -19.21
CA GLY A 557 -11.17 -6.85 -18.41
C GLY A 557 -11.06 -7.34 -16.98
N SER A 558 -11.80 -8.39 -16.61
CA SER A 558 -11.70 -8.91 -15.24
C SER A 558 -11.82 -10.44 -15.15
N ASP A 559 -11.73 -11.12 -16.29
CA ASP A 559 -11.80 -12.58 -16.29
C ASP A 559 -10.45 -13.13 -15.84
N ILE A 560 -10.45 -14.32 -15.24
CA ILE A 560 -9.20 -14.89 -14.79
C ILE A 560 -9.15 -16.37 -15.14
N GLY A 561 -8.02 -16.80 -15.70
CA GLY A 561 -7.86 -18.19 -16.05
C GLY A 561 -6.83 -18.85 -15.15
N TYR A 562 -6.99 -20.15 -14.91
CA TYR A 562 -6.04 -20.89 -14.09
C TYR A 562 -5.63 -22.16 -14.80
N TYR A 563 -4.33 -22.31 -15.07
CA TYR A 563 -3.82 -23.49 -15.74
C TYR A 563 -2.99 -24.31 -14.77
N PHE A 564 -3.22 -25.61 -14.73
CA PHE A 564 -2.49 -26.51 -13.83
C PHE A 564 -1.69 -27.54 -14.59
N PRO A 565 -0.38 -27.32 -14.74
CA PRO A 565 0.49 -28.26 -15.45
C PRO A 565 0.42 -29.62 -14.78
N GLY A 566 0.14 -30.67 -15.55
CA GLY A 566 0.08 -31.99 -14.97
C GLY A 566 -1.23 -32.33 -14.26
N GLY A 567 -2.19 -31.42 -14.34
CA GLY A 567 -3.48 -31.66 -13.70
C GLY A 567 -3.48 -31.48 -12.19
N ALA A 568 -4.64 -31.15 -11.65
CA ALA A 568 -4.77 -30.96 -10.21
C ALA A 568 -6.18 -31.26 -9.72
N THR A 569 -6.31 -31.41 -8.40
CA THR A 569 -7.60 -31.66 -7.76
C THR A 569 -7.87 -30.40 -6.95
N LEU A 570 -9.01 -29.76 -7.21
CA LEU A 570 -9.38 -28.54 -6.52
C LEU A 570 -10.54 -28.69 -5.55
N GLN A 571 -10.41 -28.05 -4.38
CA GLN A 571 -11.49 -28.04 -3.41
C GLN A 571 -12.05 -26.64 -3.61
N THR A 572 -13.35 -26.54 -3.89
CA THR A 572 -13.94 -25.23 -4.10
C THR A 572 -15.28 -25.06 -3.41
N LYS A 573 -15.69 -23.80 -3.30
CA LYS A 573 -16.97 -23.46 -2.71
C LYS A 573 -17.32 -22.03 -3.06
N ARG A 574 -18.59 -21.81 -3.35
CA ARG A 574 -19.10 -20.49 -3.67
C ARG A 574 -20.09 -20.24 -2.56
N GLU A 575 -19.83 -19.23 -1.76
CA GLU A 575 -20.70 -18.94 -0.62
C GLU A 575 -20.86 -17.45 -0.35
N ALA A 576 -21.91 -17.11 0.39
CA ALA A 576 -22.17 -15.74 0.78
C ALA A 576 -21.63 -15.63 2.19
N ARG A 577 -20.72 -14.70 2.43
CA ARG A 577 -20.17 -14.54 3.77
C ARG A 577 -20.60 -13.23 4.39
N THR A 578 -20.92 -13.26 5.68
CA THR A 578 -21.34 -12.07 6.40
C THR A 578 -20.31 -11.69 7.44
N GLY A 579 -20.16 -10.39 7.69
CA GLY A 579 -19.20 -9.93 8.67
C GLY A 579 -19.42 -8.49 9.03
N THR A 580 -18.64 -7.97 9.98
CA THR A 580 -18.75 -6.56 10.36
C THR A 580 -17.35 -6.01 10.55
N TRP A 581 -17.19 -4.74 10.25
CA TRP A 581 -15.88 -4.12 10.42
C TRP A 581 -15.46 -4.20 11.88
N LYS A 582 -16.45 -4.18 12.77
CA LYS A 582 -16.22 -4.25 14.21
C LYS A 582 -15.39 -5.50 14.57
N GLN A 583 -15.58 -6.56 13.81
CA GLN A 583 -14.87 -7.81 14.05
C GLN A 583 -13.35 -7.71 13.84
N ILE A 584 -12.93 -6.91 12.88
CA ILE A 584 -11.49 -6.76 12.62
C ILE A 584 -10.97 -5.41 13.09
N ASN A 585 -11.86 -4.57 13.59
CA ASN A 585 -11.49 -3.26 14.09
C ASN A 585 -12.39 -3.01 15.28
N ASN A 586 -11.98 -3.48 16.45
CA ASN A 586 -12.79 -3.33 17.64
C ASN A 586 -12.60 -2.02 18.39
N ARG A 587 -12.78 -0.94 17.67
CA ARG A 587 -12.71 0.40 18.28
C ARG A 587 -14.09 1.06 18.24
N PRO A 588 -14.34 1.97 19.18
CA PRO A 588 -15.64 2.66 19.28
C PRO A 588 -16.29 3.10 17.98
N ALA A 589 -15.59 3.95 17.24
CA ALA A 589 -16.09 4.49 15.99
C ALA A 589 -16.37 3.51 14.84
N THR A 590 -16.03 2.24 14.99
CA THR A 590 -16.26 1.30 13.89
C THR A 590 -17.72 0.87 13.82
N PRO A 591 -18.31 0.93 12.62
CA PRO A 591 -19.70 0.52 12.43
C PRO A 591 -19.86 -0.98 12.63
N SER A 592 -20.90 -1.37 13.36
CA SER A 592 -21.13 -2.79 13.61
C SER A 592 -22.18 -3.32 12.65
N THR A 593 -22.44 -2.56 11.60
CA THR A 593 -23.42 -2.96 10.59
C THR A 593 -22.95 -4.22 9.88
N ALA A 594 -23.85 -5.18 9.70
CA ALA A 594 -23.48 -6.42 9.03
C ALA A 594 -23.49 -6.22 7.52
N VAL A 595 -22.58 -6.88 6.83
CA VAL A 595 -22.52 -6.78 5.38
C VAL A 595 -22.29 -8.18 4.83
N THR A 596 -22.77 -8.41 3.61
CA THR A 596 -22.63 -9.72 3.00
C THR A 596 -22.05 -9.64 1.59
N ARG A 597 -21.04 -10.47 1.34
CA ARG A 597 -20.38 -10.52 0.03
C ARG A 597 -20.29 -11.96 -0.42
N ASN A 598 -20.19 -12.16 -1.72
CA ASN A 598 -20.10 -13.51 -2.27
C ASN A 598 -18.67 -13.83 -2.68
N TYR A 599 -18.30 -15.09 -2.55
CA TYR A 599 -16.96 -15.51 -2.90
C TYR A 599 -16.88 -16.86 -3.61
N GLU A 600 -15.82 -17.00 -4.41
CA GLU A 600 -15.54 -18.24 -5.10
C GLU A 600 -14.15 -18.54 -4.54
N THR A 601 -14.02 -19.62 -3.78
CA THR A 601 -12.76 -19.96 -3.16
C THR A 601 -12.27 -21.31 -3.68
N MET A 602 -10.99 -21.37 -4.03
CA MET A 602 -10.40 -22.60 -4.57
C MET A 602 -9.04 -22.88 -3.97
N TRP A 603 -8.87 -24.07 -3.40
CA TRP A 603 -7.60 -24.42 -2.82
C TRP A 603 -7.18 -25.85 -3.09
N ILE A 604 -5.90 -26.12 -2.93
CA ILE A 604 -5.37 -27.45 -3.11
C ILE A 604 -5.19 -28.00 -1.71
N ASP A 605 -5.75 -29.19 -1.47
CA ASP A 605 -5.66 -29.84 -0.18
C ASP A 605 -4.49 -30.82 -0.22
N HIS A 606 -3.47 -30.54 0.59
CA HIS A 606 -2.29 -31.38 0.63
C HIS A 606 -2.36 -32.50 1.64
N GLY A 607 -3.49 -32.60 2.33
CA GLY A 607 -3.66 -33.64 3.32
C GLY A 607 -3.09 -33.26 4.67
N THR A 608 -3.10 -34.21 5.60
CA THR A 608 -2.56 -33.97 6.93
C THR A 608 -1.16 -34.56 7.01
N ASN A 609 -0.26 -33.85 7.70
CA ASN A 609 1.13 -34.29 7.85
C ASN A 609 1.77 -34.65 6.52
N PRO A 610 1.65 -33.77 5.51
CA PRO A 610 2.24 -34.04 4.20
C PRO A 610 3.77 -34.02 4.29
N SER A 611 4.41 -34.72 3.37
CA SER A 611 5.86 -34.79 3.34
C SER A 611 6.38 -34.54 1.94
N GLY A 612 6.99 -33.37 1.73
CA GLY A 612 7.52 -33.04 0.43
C GLY A 612 6.48 -32.87 -0.65
N ALA A 613 5.32 -32.35 -0.29
CA ALA A 613 4.24 -32.12 -1.24
C ALA A 613 4.61 -30.91 -2.12
N SER A 614 3.85 -30.71 -3.19
CA SER A 614 4.12 -29.62 -4.10
C SER A 614 2.88 -29.20 -4.87
N TYR A 615 3.02 -28.12 -5.63
CA TYR A 615 1.93 -27.60 -6.45
C TYR A 615 2.50 -26.73 -7.54
N GLY A 616 1.70 -26.50 -8.56
CA GLY A 616 2.13 -25.65 -9.65
C GLY A 616 0.91 -25.16 -10.39
N TYR A 617 0.76 -23.84 -10.49
CA TYR A 617 -0.35 -23.28 -11.24
C TYR A 617 0.03 -21.96 -11.88
N VAL A 618 -0.66 -21.61 -12.95
CA VAL A 618 -0.41 -20.39 -13.68
C VAL A 618 -1.65 -19.52 -13.71
N LEU A 619 -1.47 -18.22 -13.43
CA LEU A 619 -2.59 -17.28 -13.46
C LEU A 619 -2.60 -16.65 -14.84
N LEU A 620 -3.72 -16.72 -15.52
CA LEU A 620 -3.86 -16.15 -16.87
C LEU A 620 -4.89 -15.04 -16.85
N PRO A 621 -4.48 -13.82 -16.51
CA PRO A 621 -5.41 -12.68 -16.46
C PRO A 621 -6.01 -12.31 -17.81
N ASN A 622 -7.26 -11.85 -17.77
CA ASN A 622 -7.99 -11.39 -18.94
C ASN A 622 -8.08 -12.26 -20.18
N LYS A 623 -8.23 -13.57 -19.99
CA LYS A 623 -8.37 -14.45 -21.13
C LYS A 623 -9.76 -15.04 -21.11
N THR A 624 -10.26 -15.45 -22.26
CA THR A 624 -11.58 -16.04 -22.33
C THR A 624 -11.46 -17.53 -22.12
N SER A 625 -12.60 -18.16 -21.91
CA SER A 625 -12.65 -19.60 -21.72
C SER A 625 -11.85 -20.26 -22.82
N ALA A 626 -12.17 -19.88 -24.06
CA ALA A 626 -11.50 -20.43 -25.22
C ALA A 626 -10.00 -20.24 -25.15
N GLN A 627 -9.58 -18.99 -24.89
CA GLN A 627 -8.16 -18.68 -24.82
C GLN A 627 -7.44 -19.53 -23.78
N VAL A 628 -8.01 -19.63 -22.59
CA VAL A 628 -7.39 -20.43 -21.54
C VAL A 628 -7.31 -21.88 -22.01
N GLY A 629 -8.37 -22.33 -22.68
CA GLY A 629 -8.39 -23.69 -23.20
C GLY A 629 -7.27 -23.90 -24.19
N ALA A 630 -7.09 -22.94 -25.09
CA ALA A 630 -6.04 -23.02 -26.09
C ALA A 630 -4.69 -23.08 -25.39
N TYR A 631 -4.51 -22.19 -24.42
CA TYR A 631 -3.25 -22.13 -23.67
C TYR A 631 -2.89 -23.47 -23.05
N ALA A 632 -3.83 -24.07 -22.34
CA ALA A 632 -3.61 -25.35 -21.70
C ALA A 632 -3.19 -26.40 -22.72
N ALA A 633 -3.64 -26.24 -23.96
CA ALA A 633 -3.31 -27.18 -25.02
C ALA A 633 -1.86 -27.01 -25.45
N ASP A 634 -1.46 -25.77 -25.69
CA ASP A 634 -0.09 -25.49 -26.10
C ASP A 634 0.46 -24.36 -25.22
N PRO A 635 0.82 -24.69 -23.98
CA PRO A 635 1.36 -23.74 -22.99
C PRO A 635 2.68 -23.08 -23.37
N ALA A 636 2.80 -21.80 -23.03
CA ALA A 636 4.01 -21.07 -23.34
C ALA A 636 5.07 -21.31 -22.27
N ILE A 637 4.64 -21.66 -21.06
CA ILE A 637 5.60 -21.91 -19.99
C ILE A 637 5.91 -23.39 -19.88
N GLU A 638 7.00 -23.69 -19.20
CA GLU A 638 7.45 -25.06 -19.03
C GLU A 638 8.21 -25.14 -17.72
N ILE A 639 7.79 -26.06 -16.86
CA ILE A 639 8.43 -26.20 -15.56
C ILE A 639 9.74 -26.95 -15.71
N VAL A 640 10.84 -26.27 -15.44
CA VAL A 640 12.14 -26.87 -15.57
C VAL A 640 12.44 -27.71 -14.35
N VAL A 641 12.12 -27.19 -13.17
CA VAL A 641 12.36 -27.90 -11.92
C VAL A 641 11.51 -27.35 -10.79
N ASN A 642 11.11 -28.24 -9.88
CA ASN A 642 10.30 -27.85 -8.73
C ASN A 642 10.63 -28.74 -7.54
N THR A 643 11.86 -28.63 -7.06
CA THR A 643 12.32 -29.43 -5.92
C THR A 643 12.59 -28.51 -4.75
N SER A 644 12.87 -29.08 -3.59
CA SER A 644 13.14 -28.24 -2.43
C SER A 644 14.46 -27.50 -2.60
N GLY A 645 15.23 -27.93 -3.59
CA GLY A 645 16.52 -27.31 -3.84
C GLY A 645 16.50 -26.20 -4.88
N VAL A 646 15.69 -26.36 -5.91
CA VAL A 646 15.61 -25.36 -6.96
C VAL A 646 14.26 -25.40 -7.66
N GLN A 647 13.74 -24.23 -7.96
CA GLN A 647 12.46 -24.12 -8.66
C GLN A 647 12.78 -23.24 -9.85
N SER A 648 12.45 -23.74 -11.04
CA SER A 648 12.76 -23.02 -12.27
C SER A 648 11.64 -23.19 -13.29
N VAL A 649 11.36 -22.13 -14.02
CA VAL A 649 10.32 -22.13 -15.05
C VAL A 649 10.85 -21.46 -16.31
N LYS A 650 10.41 -21.93 -17.48
CA LYS A 650 10.85 -21.36 -18.74
C LYS A 650 9.67 -20.81 -19.53
N GLU A 651 9.91 -19.70 -20.22
CA GLU A 651 8.88 -19.08 -21.05
C GLU A 651 9.39 -19.21 -22.48
N LYS A 652 8.97 -20.28 -23.14
CA LYS A 652 9.39 -20.60 -24.50
C LYS A 652 9.30 -19.51 -25.57
N THR A 653 8.24 -18.73 -25.57
CA THR A 653 8.12 -17.70 -26.60
C THR A 653 9.05 -16.51 -26.39
N LEU A 654 9.29 -16.14 -25.14
CA LEU A 654 10.17 -15.00 -24.85
C LEU A 654 11.62 -15.39 -24.62
N GLY A 655 11.87 -16.68 -24.42
CA GLY A 655 13.23 -17.13 -24.19
C GLY A 655 13.69 -16.81 -22.78
N LEU A 656 12.75 -16.78 -21.85
CA LEU A 656 13.05 -16.49 -20.46
C LEU A 656 13.18 -17.74 -19.59
N VAL A 657 14.19 -17.75 -18.73
CA VAL A 657 14.41 -18.84 -17.80
C VAL A 657 14.63 -18.23 -16.41
N GLY A 658 13.77 -18.58 -15.47
CA GLY A 658 13.90 -18.08 -14.13
C GLY A 658 14.22 -19.23 -13.21
N ALA A 659 15.03 -18.98 -12.19
CA ALA A 659 15.39 -20.02 -11.26
C ALA A 659 15.70 -19.47 -9.88
N ASN A 660 15.14 -20.13 -8.86
CA ASN A 660 15.37 -19.76 -7.48
C ASN A 660 16.11 -20.93 -6.86
N PHE A 661 17.32 -20.69 -6.37
CA PHE A 661 18.10 -21.74 -5.75
C PHE A 661 17.98 -21.58 -4.24
N TRP A 662 17.50 -22.63 -3.59
CA TRP A 662 17.27 -22.61 -2.16
C TRP A 662 18.40 -22.99 -1.21
N THR A 663 19.44 -23.64 -1.73
CA THR A 663 20.55 -24.03 -0.87
C THR A 663 21.92 -23.57 -1.35
N ASP A 664 22.88 -23.56 -0.43
CA ASP A 664 24.23 -23.17 -0.76
C ASP A 664 25.05 -24.34 -1.25
N THR A 665 24.64 -24.91 -2.38
CA THR A 665 25.36 -26.02 -2.98
C THR A 665 25.28 -25.83 -4.49
N THR A 666 26.14 -26.53 -5.23
CA THR A 666 26.12 -26.39 -6.67
C THR A 666 24.91 -27.10 -7.28
N GLN A 667 24.04 -26.32 -7.91
CA GLN A 667 22.85 -26.87 -8.54
C GLN A 667 22.69 -26.31 -9.95
N THR A 668 21.94 -27.02 -10.78
CA THR A 668 21.72 -26.63 -12.16
C THR A 668 20.26 -26.74 -12.58
N ALA A 669 19.77 -25.68 -13.22
CA ALA A 669 18.40 -25.61 -13.73
C ALA A 669 18.54 -25.15 -15.18
N ASP A 670 18.23 -26.04 -16.12
CA ASP A 670 18.38 -25.70 -17.53
C ASP A 670 19.81 -25.24 -17.77
N LEU A 671 20.00 -24.09 -18.41
CA LEU A 671 21.34 -23.58 -18.72
C LEU A 671 22.02 -22.89 -17.55
N ILE A 672 21.34 -22.78 -16.42
CA ILE A 672 21.92 -22.09 -15.27
C ILE A 672 22.49 -23.00 -14.18
N THR A 673 23.67 -22.62 -13.69
CA THR A 673 24.30 -23.34 -12.60
C THR A 673 24.70 -22.32 -11.56
N SER A 674 24.32 -22.55 -10.32
CA SER A 674 24.65 -21.64 -9.23
C SER A 674 25.29 -22.41 -8.11
N ASN A 675 26.16 -21.77 -7.35
CA ASN A 675 26.82 -22.46 -6.25
C ASN A 675 26.23 -22.01 -4.92
N LYS A 676 25.33 -21.04 -4.96
CA LYS A 676 24.73 -20.53 -3.73
C LYS A 676 23.29 -20.08 -3.87
N LYS A 677 22.69 -19.76 -2.72
CA LYS A 677 21.31 -19.28 -2.67
C LYS A 677 21.24 -18.07 -3.59
N ALA A 678 20.31 -18.08 -4.53
CA ALA A 678 20.19 -16.96 -5.45
C ALA A 678 18.90 -17.00 -6.25
N SER A 679 18.56 -15.85 -6.81
CA SER A 679 17.38 -15.73 -7.65
C SER A 679 17.97 -15.27 -8.98
N VAL A 680 17.77 -16.07 -10.02
CA VAL A 680 18.33 -15.77 -11.33
C VAL A 680 17.33 -15.82 -12.47
N MET A 681 17.48 -14.90 -13.41
CA MET A 681 16.61 -14.90 -14.58
C MET A 681 17.42 -14.54 -15.81
N THR A 682 17.20 -15.28 -16.88
CA THR A 682 17.92 -15.04 -18.10
C THR A 682 17.00 -14.93 -19.30
N ARG A 683 17.46 -14.21 -20.30
CA ARG A 683 16.71 -14.05 -21.54
C ARG A 683 17.66 -14.28 -22.69
N GLU A 684 17.33 -15.26 -23.53
CA GLU A 684 18.17 -15.59 -24.66
C GLU A 684 17.51 -15.20 -25.98
N ILE A 685 18.27 -14.53 -26.83
CA ILE A 685 17.81 -14.13 -28.15
C ILE A 685 18.66 -14.97 -29.10
N ALA A 686 18.05 -16.00 -29.66
CA ALA A 686 18.71 -16.93 -30.58
C ALA A 686 19.88 -16.34 -31.36
N ASP A 687 21.08 -16.85 -31.08
CA ASP A 687 22.32 -16.42 -31.74
C ASP A 687 22.57 -14.92 -31.78
N GLU A 688 22.09 -14.20 -30.78
CA GLU A 688 22.30 -12.77 -30.75
C GLU A 688 22.90 -12.38 -29.42
N ARG A 689 22.09 -12.49 -28.36
CA ARG A 689 22.59 -12.13 -27.04
C ARG A 689 21.89 -12.88 -25.92
N LEU A 690 22.53 -12.89 -24.76
CA LEU A 690 22.01 -13.55 -23.60
C LEU A 690 22.10 -12.56 -22.45
N GLU A 691 20.98 -12.31 -21.79
CA GLU A 691 20.97 -11.39 -20.66
C GLU A 691 20.69 -12.14 -19.38
N ALA A 692 21.32 -11.71 -18.29
CA ALA A 692 21.14 -12.37 -17.01
C ALA A 692 21.11 -11.41 -15.83
N SER A 693 20.23 -11.70 -14.87
CA SER A 693 20.11 -10.89 -13.66
C SER A 693 20.19 -11.83 -12.48
N VAL A 694 21.00 -11.44 -11.50
CA VAL A 694 21.21 -12.26 -10.32
C VAL A 694 21.08 -11.42 -9.06
N SER A 695 20.57 -12.02 -7.99
CA SER A 695 20.47 -11.32 -6.72
C SER A 695 20.62 -12.31 -5.58
N ASP A 696 21.07 -11.80 -4.43
CA ASP A 696 21.20 -12.60 -3.21
C ASP A 696 20.01 -12.16 -2.35
N PRO A 697 18.90 -12.91 -2.41
CA PRO A 697 17.69 -12.61 -1.64
C PRO A 697 17.87 -12.60 -0.13
N THR A 698 18.85 -13.36 0.36
CA THR A 698 19.08 -13.43 1.80
C THR A 698 19.68 -12.15 2.37
N GLN A 699 20.34 -11.37 1.51
CA GLN A 699 20.98 -10.13 1.93
C GLN A 699 21.94 -10.43 3.08
N ALA A 700 22.44 -11.66 3.11
CA ALA A 700 23.34 -12.09 4.17
C ALA A 700 24.63 -12.72 3.66
N ASN A 701 24.76 -12.84 2.34
CA ASN A 701 25.96 -13.41 1.74
C ASN A 701 27.07 -12.35 1.75
N ASN A 702 28.14 -12.61 2.50
CA ASN A 702 29.26 -11.66 2.59
C ASN A 702 30.32 -11.87 1.52
N GLY A 703 30.05 -12.73 0.56
CA GLY A 703 31.02 -13.00 -0.48
C GLY A 703 30.49 -12.84 -1.87
N THR A 704 30.39 -13.95 -2.59
CA THR A 704 29.93 -13.93 -3.96
C THR A 704 28.98 -15.06 -4.29
N ILE A 705 28.44 -14.99 -5.49
CA ILE A 705 27.57 -16.02 -6.05
C ILE A 705 28.27 -16.33 -7.36
N ALA A 706 28.65 -17.58 -7.55
CA ALA A 706 29.33 -17.99 -8.77
C ALA A 706 28.27 -18.56 -9.71
N ILE A 707 28.15 -17.95 -10.89
CA ILE A 707 27.18 -18.40 -11.87
C ILE A 707 27.86 -18.93 -13.12
N GLU A 708 27.25 -19.93 -13.74
CA GLU A 708 27.78 -20.50 -14.97
C GLU A 708 26.60 -20.70 -15.93
N LEU A 709 26.71 -20.12 -17.12
CA LEU A 709 25.66 -20.25 -18.12
C LEU A 709 26.14 -21.16 -19.26
N ALA A 710 25.34 -22.18 -19.58
CA ALA A 710 25.69 -23.14 -20.63
C ALA A 710 25.58 -22.59 -22.04
N ARG A 711 26.33 -21.53 -22.32
CA ARG A 711 26.32 -20.92 -23.65
C ARG A 711 27.71 -20.33 -23.88
N SER A 712 28.11 -20.22 -25.14
CA SER A 712 29.40 -19.66 -25.47
C SER A 712 29.23 -18.21 -25.93
N ALA A 713 30.00 -17.29 -25.36
CA ALA A 713 29.90 -15.89 -25.71
C ALA A 713 31.16 -15.32 -26.36
N GLU A 714 30.99 -14.23 -27.13
CA GLU A 714 32.07 -13.55 -27.82
C GLU A 714 32.49 -12.30 -27.05
N GLY A 715 31.54 -11.73 -26.31
CA GLY A 715 31.83 -10.53 -25.53
C GLY A 715 30.77 -10.26 -24.48
N TYR A 716 31.03 -9.28 -23.62
CA TYR A 716 30.07 -8.96 -22.57
C TYR A 716 30.16 -7.52 -22.13
N SER A 717 29.21 -7.17 -21.27
CA SER A 717 29.09 -5.85 -20.68
C SER A 717 28.34 -6.17 -19.38
N ALA A 718 28.79 -5.65 -18.24
CA ALA A 718 28.11 -5.95 -16.98
C ALA A 718 28.17 -4.86 -15.93
N ASP A 719 27.21 -4.91 -15.00
CA ASP A 719 27.12 -3.96 -13.90
C ASP A 719 28.37 -4.12 -13.06
N PRO A 720 28.86 -3.02 -12.48
CA PRO A 720 30.06 -3.17 -11.65
C PRO A 720 29.68 -4.06 -10.46
N GLY A 721 30.58 -4.97 -10.08
CA GLY A 721 30.27 -5.86 -8.99
C GLY A 721 30.21 -7.27 -9.56
N ILE A 722 30.29 -7.35 -10.88
CA ILE A 722 30.28 -8.63 -11.56
C ILE A 722 31.63 -8.82 -12.24
N THR A 723 32.20 -10.00 -12.12
CA THR A 723 33.48 -10.29 -12.73
C THR A 723 33.33 -11.49 -13.64
N VAL A 724 33.48 -11.28 -14.94
CA VAL A 724 33.38 -12.39 -15.87
C VAL A 724 34.76 -13.03 -15.92
N THR A 725 34.82 -14.34 -15.73
CA THR A 725 36.12 -15.02 -15.77
C THR A 725 36.23 -15.97 -16.96
N GLN A 726 35.17 -16.09 -17.75
CA GLN A 726 35.20 -16.97 -18.91
C GLN A 726 33.99 -16.80 -19.81
N LEU A 727 34.22 -16.78 -21.11
CA LEU A 727 33.12 -16.62 -22.04
C LEU A 727 32.95 -17.88 -22.89
N ALA A 728 34.01 -18.68 -22.96
CA ALA A 728 33.99 -19.90 -23.75
C ALA A 728 34.82 -21.01 -23.12
N PRO A 729 34.38 -22.27 -23.27
CA PRO A 729 33.19 -22.71 -24.00
C PRO A 729 31.87 -22.36 -23.31
N THR A 730 31.93 -22.06 -22.02
CA THR A 730 30.73 -21.68 -21.28
C THR A 730 31.01 -20.37 -20.57
N ILE A 731 29.95 -19.67 -20.18
CA ILE A 731 30.09 -18.39 -19.50
C ILE A 731 30.22 -18.59 -17.99
N LYS A 732 31.16 -17.87 -17.38
CA LYS A 732 31.37 -17.97 -15.94
C LYS A 732 31.68 -16.62 -15.35
N PHE A 733 30.97 -16.26 -14.29
CA PHE A 733 31.18 -14.98 -13.60
C PHE A 733 30.73 -15.06 -12.15
N THR A 734 31.24 -14.15 -11.32
CA THR A 734 30.87 -14.09 -9.92
C THR A 734 30.22 -12.74 -9.64
N VAL A 735 29.41 -12.68 -8.61
CA VAL A 735 28.70 -11.45 -8.25
C VAL A 735 29.01 -11.07 -6.80
N ASN A 736 29.57 -9.87 -6.59
CA ASN A 736 29.88 -9.41 -5.23
C ASN A 736 28.62 -8.89 -4.58
N VAL A 737 27.94 -9.75 -3.83
CA VAL A 737 26.71 -9.38 -3.18
C VAL A 737 26.88 -8.84 -1.77
N ASN A 738 28.12 -8.68 -1.34
CA ASN A 738 28.38 -8.16 0.00
C ASN A 738 27.71 -6.79 0.12
N GLY A 739 26.83 -6.67 1.10
CA GLY A 739 26.12 -5.42 1.33
C GLY A 739 25.22 -4.98 0.19
N ALA A 740 24.80 -5.91 -0.67
CA ALA A 740 23.95 -5.58 -1.81
C ALA A 740 22.50 -5.26 -1.42
N LYS A 741 22.06 -5.75 -0.27
CA LYS A 741 20.70 -5.49 0.20
C LYS A 741 19.61 -5.95 -0.76
N GLY A 742 19.78 -7.14 -1.34
CA GLY A 742 18.81 -7.70 -2.24
C GLY A 742 18.67 -7.13 -3.64
N LYS A 743 19.60 -6.31 -4.08
CA LYS A 743 19.49 -5.72 -5.42
C LYS A 743 19.88 -6.72 -6.52
N SER A 744 19.43 -6.45 -7.73
CA SER A 744 19.73 -7.31 -8.86
C SER A 744 20.93 -6.78 -9.62
N PHE A 745 21.77 -7.69 -10.10
CA PHE A 745 22.93 -7.31 -10.87
C PHE A 745 22.69 -7.81 -12.29
N HIS A 746 22.90 -6.95 -13.27
CA HIS A 746 22.67 -7.32 -14.66
C HIS A 746 23.95 -7.48 -15.46
N ALA A 747 23.92 -8.39 -16.43
CA ALA A 747 25.06 -8.64 -17.31
C ALA A 747 24.49 -8.99 -18.69
N SER A 748 25.19 -8.60 -19.74
CA SER A 748 24.72 -8.88 -21.08
C SER A 748 25.81 -9.50 -21.94
N PHE A 749 25.53 -10.67 -22.50
CA PHE A 749 26.51 -11.36 -23.32
C PHE A 749 26.15 -11.43 -24.79
N GLN A 750 27.18 -11.27 -25.62
CA GLN A 750 27.08 -11.33 -27.06
C GLN A 750 27.33 -12.79 -27.44
N LEU A 751 26.34 -13.43 -28.06
CA LEU A 751 26.47 -14.83 -28.45
C LEU A 751 27.11 -15.08 -29.82
N GLY A 752 27.86 -16.18 -29.92
CA GLY A 752 28.51 -16.54 -31.17
C GLY A 752 27.64 -16.37 -32.41
C1 MAN B . -1.52 6.26 14.27
C2 MAN B . -1.89 5.99 12.81
C3 MAN B . -2.93 7.01 12.34
C4 MAN B . -4.13 7.01 13.30
C5 MAN B . -3.65 7.24 14.74
C6 MAN B . -4.78 7.16 15.75
O1 MAN B . -0.64 5.28 14.72
O2 MAN B . -2.43 4.67 12.69
O3 MAN B . -3.36 6.68 11.03
O4 MAN B . -5.03 8.05 12.93
O5 MAN B . -2.68 6.22 15.10
O6 MAN B . -5.62 6.04 15.51
#